data_4G2N
#
_entry.id   4G2N
#
_cell.length_a   63.431
_cell.length_b   68.158
_cell.length_c   77.369
_cell.angle_alpha   96.930
_cell.angle_beta   90.680
_cell.angle_gamma   94.380
#
_symmetry.space_group_name_H-M   'P 1'
#
loop_
_entity.id
_entity.type
_entity.pdbx_description
1 polymer 'D-isomer specific 2-hydroxyacid dehydrogenase, NAD-binding'
2 non-polymer GLYCEROL
3 non-polymer 'CHLORIDE ION'
4 water water
#
_entity_poly.entity_id   1
_entity_poly.type   'polypeptide(L)'
_entity_poly.pdbx_seq_one_letter_code
;(MSE)HHHHHHSSGVDLGTENLYFQS(MSE)STHPIQKAFLCRRFTPAIEAELRQRFDLEVNLEDTVLTPSGIASRAHGA
EVLFVTATEAITAEVIRKLQPGLKTIATLSVGYDHID(MSE)AAARSLGIKVLHTPDVLSDACAEIA(MSE)LLVLNACR
RGYEADR(MSE)VRSGSWPGWGPTQLLG(MSE)GLTGRRLGIFG(MSE)GRIGRAIATRARGFGLAIHYHNRTRLSHALE
EGAIYHDTLDSLLGASDIFLIAAPGRPELKGFLDHDRIAKIPEGAVVINISRGDLINDDALIEALRSKHLFAAGLDVFAN
EPAIDPRYRSLDNIFLTPHIGSATHETRDA(MSE)GWLLIQGIEALNQSDVPDNLIS
;
_entity_poly.pdbx_strand_id   A,B,C,D
#
# COMPACT_ATOMS: atom_id res chain seq x y z
N PRO A 27 5.48 -37.53 31.13
CA PRO A 27 6.52 -36.57 31.53
C PRO A 27 6.33 -35.19 30.88
N ILE A 28 6.84 -34.14 31.54
CA ILE A 28 6.58 -32.73 31.16
C ILE A 28 7.39 -32.19 29.96
N GLN A 29 6.70 -32.01 28.85
CA GLN A 29 7.34 -31.75 27.57
C GLN A 29 7.70 -30.29 27.42
N LYS A 30 8.89 -30.06 26.89
CA LYS A 30 9.28 -28.71 26.48
C LYS A 30 8.55 -28.29 25.20
N ALA A 31 8.02 -27.07 25.18
CA ALA A 31 7.33 -26.56 23.98
C ALA A 31 7.86 -25.17 23.65
N PHE A 32 7.89 -24.85 22.37
CA PHE A 32 8.25 -23.48 21.94
C PHE A 32 7.13 -22.89 21.12
N LEU A 33 6.73 -21.66 21.46
CA LEU A 33 5.62 -21.00 20.76
C LEU A 33 6.16 -19.90 19.83
N CYS A 34 6.06 -20.08 18.52
CA CYS A 34 6.69 -19.15 17.56
C CYS A 34 5.94 -17.83 17.36
N ARG A 35 4.63 -17.83 17.57
CA ARG A 35 3.81 -16.60 17.54
C ARG A 35 2.93 -16.54 18.78
N ARG A 36 2.60 -15.34 19.26
CA ARG A 36 1.73 -15.29 20.45
C ARG A 36 0.35 -15.84 20.15
N PHE A 37 -0.21 -16.64 21.07
CA PHE A 37 -1.60 -17.02 20.96
C PHE A 37 -2.44 -16.17 21.95
N THR A 38 -3.76 -16.37 21.99
CA THR A 38 -4.57 -15.66 22.96
C THR A 38 -4.04 -15.95 24.35
N PRO A 39 -4.13 -14.95 25.25
CA PRO A 39 -3.77 -15.21 26.64
C PRO A 39 -4.44 -16.46 27.21
N ALA A 40 -5.73 -16.71 26.89
CA ALA A 40 -6.43 -17.90 27.43
C ALA A 40 -5.71 -19.20 27.03
N ILE A 41 -5.38 -19.31 25.75
CA ILE A 41 -4.66 -20.47 25.26
C ILE A 41 -3.22 -20.56 25.79
N GLU A 42 -2.50 -19.44 25.84
CA GLU A 42 -1.15 -19.46 26.41
C GLU A 42 -1.16 -19.93 27.85
N ALA A 43 -2.20 -19.56 28.61
CA ALA A 43 -2.32 -20.02 30.01
C ALA A 43 -2.48 -21.55 30.05
N GLU A 44 -3.26 -22.10 29.13
CA GLU A 44 -3.43 -23.57 29.07
C GLU A 44 -2.13 -24.29 28.69
N LEU A 45 -1.37 -23.69 27.79
CA LEU A 45 -0.11 -24.26 27.36
C LEU A 45 0.93 -24.23 28.48
N ARG A 46 0.98 -23.14 29.24
N ARG A 46 0.94 -23.14 29.25
CA ARG A 46 1.94 -23.07 30.36
CA ARG A 46 1.89 -23.01 30.36
C ARG A 46 1.61 -24.14 31.39
C ARG A 46 1.59 -24.03 31.45
N GLN A 47 0.33 -24.44 31.54
CA GLN A 47 -0.07 -25.50 32.50
C GLN A 47 0.45 -26.89 32.09
N ARG A 48 0.52 -27.11 30.79
CA ARG A 48 0.73 -28.47 30.25
C ARG A 48 2.15 -28.72 29.78
N PHE A 49 2.87 -27.64 29.50
CA PHE A 49 4.22 -27.73 28.95
C PHE A 49 5.21 -26.85 29.72
N ASP A 50 6.47 -27.22 29.65
CA ASP A 50 7.57 -26.32 29.97
C ASP A 50 7.73 -25.37 28.76
N LEU A 51 7.00 -24.26 28.82
CA LEU A 51 6.76 -23.42 27.64
C LEU A 51 7.71 -22.23 27.51
N GLU A 52 8.30 -22.07 26.32
CA GLU A 52 9.08 -20.87 26.00
C GLU A 52 8.37 -20.17 24.86
N VAL A 53 8.33 -18.83 24.89
CA VAL A 53 7.49 -18.08 23.93
C VAL A 53 8.34 -17.03 23.20
N ASN A 54 8.05 -16.83 21.92
CA ASN A 54 8.61 -15.73 21.13
C ASN A 54 7.85 -14.45 21.52
N LEU A 55 8.31 -13.81 22.58
CA LEU A 55 7.56 -12.76 23.25
C LEU A 55 7.15 -11.58 22.37
N GLU A 56 8.06 -11.13 21.50
CA GLU A 56 7.79 -9.96 20.66
C GLU A 56 6.88 -10.23 19.46
N ASP A 57 6.53 -11.50 19.24
CA ASP A 57 5.57 -11.93 18.21
C ASP A 57 6.07 -11.67 16.77
N THR A 58 7.38 -11.58 16.61
CA THR A 58 8.01 -11.46 15.28
C THR A 58 7.85 -12.74 14.45
N VAL A 59 7.98 -12.61 13.14
CA VAL A 59 8.00 -13.78 12.28
C VAL A 59 9.46 -14.27 12.22
N LEU A 60 9.74 -15.37 12.90
CA LEU A 60 11.10 -15.91 12.94
C LEU A 60 11.42 -16.52 11.57
N THR A 61 12.63 -16.30 11.07
CA THR A 61 13.11 -16.99 9.87
C THR A 61 13.37 -18.46 10.23
N PRO A 62 13.45 -19.33 9.21
CA PRO A 62 13.77 -20.72 9.50
C PRO A 62 15.03 -20.87 10.40
N SER A 63 16.08 -20.09 10.13
CA SER A 63 17.29 -20.13 10.93
C SER A 63 17.01 -19.74 12.39
N GLY A 64 16.14 -18.73 12.56
CA GLY A 64 15.75 -18.25 13.89
C GLY A 64 14.89 -19.27 14.61
N ILE A 65 14.02 -19.97 13.88
CA ILE A 65 13.18 -21.01 14.54
C ILE A 65 14.11 -22.09 15.07
N ALA A 66 15.01 -22.58 14.22
CA ALA A 66 16.00 -23.59 14.63
C ALA A 66 16.82 -23.19 15.87
N SER A 67 17.32 -21.96 15.92
CA SER A 67 18.09 -21.52 17.09
C SER A 67 17.24 -21.30 18.35
N ARG A 68 16.12 -20.61 18.23
CA ARG A 68 15.28 -20.28 19.39
C ARG A 68 14.62 -21.52 19.99
N ALA A 69 14.16 -22.43 19.14
CA ALA A 69 13.35 -23.58 19.63
C ALA A 69 14.17 -24.82 19.98
N HIS A 70 15.48 -24.73 19.83
CA HIS A 70 16.33 -25.89 20.05
C HIS A 70 16.10 -26.50 21.43
N GLY A 71 15.80 -27.79 21.45
CA GLY A 71 15.50 -28.51 22.66
C GLY A 71 14.02 -28.76 22.91
N ALA A 72 13.14 -28.02 22.22
CA ALA A 72 11.69 -28.24 22.34
C ALA A 72 11.25 -29.59 21.77
N GLU A 73 10.36 -30.28 22.48
CA GLU A 73 9.72 -31.46 21.94
C GLU A 73 8.51 -31.09 21.05
N VAL A 74 7.74 -30.08 21.47
CA VAL A 74 6.56 -29.67 20.72
C VAL A 74 6.81 -28.26 20.16
N LEU A 75 6.58 -28.09 18.85
CA LEU A 75 6.79 -26.79 18.26
C LEU A 75 5.44 -26.23 17.81
N PHE A 76 5.02 -25.15 18.46
CA PHE A 76 3.76 -24.48 18.08
C PHE A 76 4.01 -23.43 17.03
N VAL A 77 3.36 -23.59 15.87
CA VAL A 77 3.60 -22.72 14.71
C VAL A 77 2.29 -22.19 14.11
N THR A 78 2.41 -21.33 13.09
CA THR A 78 1.28 -20.81 12.31
C THR A 78 1.72 -20.84 10.87
N ALA A 79 0.83 -20.41 9.98
CA ALA A 79 1.13 -20.37 8.57
C ALA A 79 2.24 -19.37 8.27
N THR A 80 2.59 -18.51 9.23
CA THR A 80 3.68 -17.54 9.00
C THR A 80 5.08 -18.11 9.20
N GLU A 81 5.15 -19.31 9.82
CA GLU A 81 6.42 -20.03 10.04
C GLU A 81 6.74 -21.01 8.89
N ALA A 82 7.85 -20.75 8.19
CA ALA A 82 8.38 -21.68 7.18
C ALA A 82 9.15 -22.83 7.82
N ILE A 83 8.46 -23.95 8.05
CA ILE A 83 9.10 -25.09 8.67
C ILE A 83 9.72 -26.01 7.60
N THR A 84 10.93 -25.65 7.19
CA THR A 84 11.70 -26.40 6.18
C THR A 84 12.30 -27.72 6.70
N ALA A 85 12.74 -28.57 5.78
CA ALA A 85 13.55 -29.76 6.09
C ALA A 85 14.70 -29.42 7.05
N GLU A 86 15.36 -28.29 6.78
CA GLU A 86 16.51 -27.90 7.58
C GLU A 86 16.09 -27.58 9.02
N VAL A 87 14.97 -26.89 9.19
CA VAL A 87 14.42 -26.59 10.51
C VAL A 87 14.15 -27.90 11.27
N ILE A 88 13.51 -28.84 10.59
CA ILE A 88 13.11 -30.09 11.27
C ILE A 88 14.36 -30.90 11.68
N ARG A 89 15.34 -30.97 10.76
CA ARG A 89 16.62 -31.64 11.02
C ARG A 89 17.39 -30.94 12.16
N LYS A 90 17.47 -29.61 12.13
CA LYS A 90 18.23 -28.90 13.19
C LYS A 90 17.61 -29.03 14.58
N LEU A 91 16.30 -29.29 14.62
CA LEU A 91 15.60 -29.46 15.89
C LEU A 91 15.59 -30.89 16.44
N GLN A 92 16.27 -31.81 15.72
CA GLN A 92 16.53 -33.14 16.24
C GLN A 92 17.61 -33.04 17.32
N PRO A 93 17.58 -33.95 18.32
CA PRO A 93 16.63 -35.06 18.44
C PRO A 93 15.37 -34.72 19.25
N GLY A 94 15.28 -33.50 19.75
CA GLY A 94 14.21 -33.14 20.69
C GLY A 94 12.84 -33.10 20.03
N LEU A 95 12.77 -32.55 18.83
CA LEU A 95 11.48 -32.28 18.15
C LEU A 95 10.70 -33.56 17.80
N LYS A 96 9.50 -33.69 18.35
CA LYS A 96 8.64 -34.86 18.05
C LYS A 96 7.30 -34.48 17.39
N THR A 97 6.82 -33.27 17.69
CA THR A 97 5.49 -32.83 17.26
C THR A 97 5.50 -31.38 16.80
N ILE A 98 4.88 -31.12 15.64
CA ILE A 98 4.64 -29.77 15.14
C ILE A 98 3.13 -29.57 15.19
N ALA A 99 2.69 -28.53 15.89
CA ALA A 99 1.27 -28.23 15.98
C ALA A 99 1.02 -26.86 15.37
N THR A 100 0.30 -26.81 14.25
CA THR A 100 0.10 -25.56 13.51
C THR A 100 -1.32 -25.00 13.73
N LEU A 101 -1.38 -23.73 14.06
CA LEU A 101 -2.62 -22.99 14.31
C LEU A 101 -3.13 -22.50 12.97
N SER A 102 -3.52 -23.46 12.13
CA SER A 102 -3.95 -23.21 10.76
C SER A 102 -4.69 -24.40 10.18
N VAL A 103 -5.58 -24.12 9.22
CA VAL A 103 -6.18 -25.20 8.46
C VAL A 103 -5.15 -25.83 7.50
N GLY A 104 -4.41 -24.98 6.78
CA GLY A 104 -3.42 -25.45 5.81
C GLY A 104 -2.12 -25.88 6.48
N TYR A 105 -1.35 -26.69 5.76
CA TYR A 105 -0.03 -27.09 6.24
C TYR A 105 1.04 -27.02 5.15
N ASP A 106 0.77 -26.22 4.11
CA ASP A 106 1.73 -25.99 3.01
C ASP A 106 3.09 -25.48 3.49
N HIS A 107 3.09 -24.79 4.62
CA HIS A 107 4.29 -24.15 5.16
C HIS A 107 5.21 -25.14 5.89
N ILE A 108 4.75 -26.38 6.09
CA ILE A 108 5.53 -27.46 6.71
C ILE A 108 5.97 -28.44 5.63
N ASP A 109 7.27 -28.71 5.56
CA ASP A 109 7.81 -29.76 4.66
C ASP A 109 7.38 -31.10 5.22
N ALA A 111 7.22 -34.00 3.73
CA ALA A 111 8.14 -35.08 3.33
C ALA A 111 9.25 -35.22 4.36
N ALA A 112 9.80 -34.09 4.81
CA ALA A 112 10.82 -34.16 5.86
C ALA A 112 10.25 -34.61 7.17
N ALA A 113 9.06 -34.12 7.52
CA ALA A 113 8.48 -34.45 8.84
C ALA A 113 8.20 -35.95 8.90
N ARG A 114 7.63 -36.49 7.83
CA ARG A 114 7.39 -37.95 7.73
C ARG A 114 8.67 -38.75 7.91
N SER A 115 9.74 -38.31 7.24
CA SER A 115 11.02 -39.03 7.21
C SER A 115 11.70 -39.05 8.59
N LEU A 116 11.34 -38.09 9.43
CA LEU A 116 11.89 -38.02 10.76
C LEU A 116 10.89 -38.50 11.80
N GLY A 117 9.79 -39.07 11.36
CA GLY A 117 8.76 -39.60 12.28
C GLY A 117 8.04 -38.53 13.11
N ILE A 118 8.06 -37.29 12.61
CA ILE A 118 7.43 -36.16 13.31
C ILE A 118 5.91 -36.25 13.17
N LYS A 119 5.18 -36.00 14.26
CA LYS A 119 3.72 -35.92 14.17
C LYS A 119 3.31 -34.50 13.93
N VAL A 120 2.41 -34.27 12.97
CA VAL A 120 1.97 -32.92 12.64
C VAL A 120 0.46 -32.75 12.83
N LEU A 121 0.07 -31.73 13.60
CA LEU A 121 -1.34 -31.44 13.86
C LEU A 121 -1.75 -30.11 13.29
N HIS A 122 -3.00 -30.00 12.85
CA HIS A 122 -3.54 -28.75 12.37
C HIS A 122 -4.93 -28.50 12.95
N THR A 123 -5.61 -27.43 12.50
CA THR A 123 -6.88 -26.98 13.13
C THR A 123 -8.05 -26.76 12.12
N PRO A 124 -8.56 -27.85 11.55
CA PRO A 124 -9.66 -27.65 10.58
C PRO A 124 -11.05 -27.45 11.19
N ASP A 125 -11.94 -26.87 10.39
CA ASP A 125 -13.39 -26.97 10.59
C ASP A 125 -13.96 -26.24 11.79
N VAL A 126 -13.25 -25.21 12.26
CA VAL A 126 -13.78 -24.40 13.38
C VAL A 126 -13.80 -22.88 13.10
N LEU A 127 -13.67 -22.51 11.83
CA LEU A 127 -13.48 -21.13 11.41
C LEU A 127 -14.68 -20.49 10.71
N SER A 128 -15.70 -21.30 10.40
CA SER A 128 -16.78 -20.87 9.51
CA SER A 128 -16.80 -20.88 9.52
C SER A 128 -17.57 -19.65 10.01
N ASP A 129 -17.98 -19.64 11.28
CA ASP A 129 -18.78 -18.50 11.81
C ASP A 129 -18.02 -17.20 11.73
N ALA A 130 -16.77 -17.20 12.23
CA ALA A 130 -15.95 -15.99 12.20
C ALA A 130 -15.72 -15.54 10.78
N CYS A 131 -15.41 -16.47 9.87
CA CYS A 131 -15.08 -16.07 8.51
C CYS A 131 -16.31 -15.53 7.79
N ALA A 132 -17.47 -16.13 8.10
CA ALA A 132 -18.72 -15.67 7.49
C ALA A 132 -19.10 -14.28 7.98
N GLU A 133 -18.73 -13.92 9.22
CA GLU A 133 -19.02 -12.60 9.75
C GLU A 133 -18.21 -11.59 8.96
N ILE A 134 -16.94 -11.92 8.70
CA ILE A 134 -16.10 -10.99 7.92
C ILE A 134 -16.57 -10.87 6.47
N ALA A 135 -17.02 -11.97 5.89
CA ALA A 135 -17.56 -11.92 4.50
C ALA A 135 -18.74 -10.94 4.46
N LEU A 137 -19.40 -8.49 6.64
CA LEU A 137 -18.88 -7.16 6.97
C LEU A 137 -18.40 -6.51 5.68
N LEU A 138 -17.70 -7.30 4.88
CA LEU A 138 -17.17 -6.79 3.61
C LEU A 138 -18.30 -6.49 2.59
N VAL A 139 -19.29 -7.37 2.57
CA VAL A 139 -20.45 -7.21 1.65
C VAL A 139 -21.16 -5.87 2.03
N LEU A 140 -21.40 -5.65 3.32
CA LEU A 140 -22.19 -4.48 3.74
C LEU A 140 -21.37 -3.19 3.53
N ASN A 141 -20.09 -3.21 3.90
CA ASN A 141 -19.27 -2.03 3.74
C ASN A 141 -19.05 -1.70 2.28
N ALA A 142 -18.91 -2.70 1.43
CA ALA A 142 -18.73 -2.47 -0.02
C ALA A 142 -19.98 -1.84 -0.62
N CYS A 143 -21.14 -2.45 -0.34
CA CYS A 143 -22.41 -2.01 -0.92
C CYS A 143 -22.88 -0.67 -0.34
N ARG A 144 -22.60 -0.41 0.93
CA ARG A 144 -23.19 0.77 1.59
C ARG A 144 -22.12 1.84 1.91
N ARG A 145 -20.93 1.60 1.38
CA ARG A 145 -19.90 2.64 1.31
C ARG A 145 -19.30 2.96 2.70
N GLY A 146 -18.99 1.91 3.47
CA GLY A 146 -18.49 2.05 4.86
C GLY A 146 -17.23 2.90 4.98
N TYR A 147 -16.27 2.67 4.08
CA TYR A 147 -15.04 3.47 4.06
C TYR A 147 -15.33 4.97 3.92
N GLU A 148 -16.04 5.36 2.87
CA GLU A 148 -16.32 6.79 2.62
C GLU A 148 -17.13 7.34 3.78
N ALA A 149 -18.00 6.51 4.35
CA ALA A 149 -18.84 6.94 5.47
C ALA A 149 -18.02 7.36 6.70
N ASP A 150 -17.20 6.44 7.20
CA ASP A 150 -16.46 6.64 8.44
C ASP A 150 -15.43 7.76 8.18
N ARG A 151 -14.79 7.71 7.01
CA ARG A 151 -13.82 8.72 6.62
C ARG A 151 -14.39 10.13 6.69
N VAL A 153 -17.14 11.28 8.36
CA VAL A 153 -17.48 11.74 9.69
C VAL A 153 -16.22 12.06 10.51
N ARG A 154 -15.22 11.19 10.39
CA ARG A 154 -14.00 11.26 11.17
C ARG A 154 -13.18 12.49 10.77
N SER A 155 -13.29 12.87 9.51
CA SER A 155 -12.47 13.94 8.97
C SER A 155 -13.02 15.34 9.28
N GLY A 156 -14.17 15.40 9.95
CA GLY A 156 -14.81 16.69 10.22
C GLY A 156 -15.49 17.31 9.00
N SER A 157 -15.56 16.60 7.88
CA SER A 157 -16.03 17.20 6.64
C SER A 157 -17.49 16.89 6.28
N TRP A 158 -18.16 16.13 7.15
CA TRP A 158 -19.58 15.81 6.98
C TRP A 158 -20.46 17.05 7.04
N PRO A 159 -21.15 17.41 5.94
CA PRO A 159 -22.00 18.61 6.05
C PRO A 159 -23.37 18.38 6.71
N GLY A 160 -23.68 17.13 7.01
CA GLY A 160 -24.97 16.80 7.64
C GLY A 160 -25.80 15.91 6.75
N TRP A 161 -26.78 15.24 7.34
CA TRP A 161 -27.70 14.40 6.61
C TRP A 161 -28.23 15.08 5.34
N GLY A 162 -28.27 14.36 4.23
CA GLY A 162 -28.98 14.85 3.04
C GLY A 162 -29.53 13.75 2.18
N PRO A 163 -30.59 14.05 1.39
CA PRO A 163 -31.24 13.04 0.54
C PRO A 163 -30.36 12.39 -0.53
N THR A 164 -29.26 13.02 -0.95
CA THR A 164 -28.42 12.40 -1.97
C THR A 164 -27.05 11.95 -1.46
N GLN A 165 -26.88 11.90 -0.14
CA GLN A 165 -25.56 11.68 0.46
C GLN A 165 -25.16 10.18 0.56
N LEU A 166 -24.01 9.84 -0.03
CA LEU A 166 -23.50 8.42 -0.02
C LEU A 166 -24.55 7.34 -0.32
N LEU A 167 -25.27 7.51 -1.44
CA LEU A 167 -26.21 6.48 -1.87
C LEU A 167 -25.47 5.19 -2.18
N GLY A 168 -25.91 4.07 -1.61
CA GLY A 168 -25.26 2.78 -1.81
C GLY A 168 -26.21 1.81 -2.51
N GLY A 170 -28.54 -1.41 -2.17
CA GLY A 170 -29.26 -2.27 -1.21
C GLY A 170 -29.07 -3.74 -1.52
N LEU A 171 -29.24 -4.60 -0.52
CA LEU A 171 -29.08 -6.04 -0.70
CA LEU A 171 -29.09 -6.05 -0.70
C LEU A 171 -30.37 -6.73 -1.15
N THR A 172 -31.53 -6.17 -0.80
CA THR A 172 -32.80 -6.86 -1.10
C THR A 172 -33.05 -6.95 -2.62
N GLY A 173 -33.48 -8.13 -3.08
CA GLY A 173 -33.75 -8.36 -4.50
C GLY A 173 -32.50 -8.62 -5.35
N ARG A 174 -31.34 -8.73 -4.69
CA ARG A 174 -30.09 -9.01 -5.39
C ARG A 174 -29.61 -10.47 -5.22
N ARG A 175 -28.68 -10.86 -6.07
CA ARG A 175 -28.18 -12.24 -6.11
C ARG A 175 -26.76 -12.33 -5.58
N LEU A 176 -26.58 -13.15 -4.56
CA LEU A 176 -25.22 -13.38 -4.06
C LEU A 176 -24.72 -14.67 -4.68
N GLY A 177 -23.66 -14.54 -5.49
CA GLY A 177 -23.01 -15.69 -6.14
C GLY A 177 -21.74 -16.13 -5.42
N ILE A 178 -21.75 -17.36 -4.88
CA ILE A 178 -20.64 -17.86 -4.07
C ILE A 178 -19.83 -18.91 -4.82
N PHE A 179 -18.59 -18.56 -5.14
CA PHE A 179 -17.65 -19.50 -5.73
C PHE A 179 -16.99 -20.32 -4.65
N GLY A 180 -17.31 -21.62 -4.63
CA GLY A 180 -16.79 -22.52 -3.62
C GLY A 180 -17.60 -22.45 -2.37
N GLY A 182 -18.41 -24.30 0.32
CA GLY A 182 -18.20 -25.37 1.31
C GLY A 182 -18.73 -24.94 2.66
N ARG A 183 -18.07 -25.35 3.74
CA ARG A 183 -18.54 -25.01 5.09
C ARG A 183 -18.62 -23.49 5.37
N ILE A 184 -17.56 -22.77 4.98
CA ILE A 184 -17.55 -21.31 5.12
C ILE A 184 -18.60 -20.69 4.19
N GLY A 185 -18.59 -21.12 2.93
CA GLY A 185 -19.61 -20.66 1.98
C GLY A 185 -21.04 -20.81 2.45
N ARG A 186 -21.38 -21.95 3.01
CA ARG A 186 -22.73 -22.16 3.52
C ARG A 186 -23.05 -21.29 4.75
N ALA A 187 -22.05 -21.09 5.62
CA ALA A 187 -22.22 -20.14 6.74
C ALA A 187 -22.52 -18.73 6.24
N ILE A 188 -21.81 -18.31 5.19
CA ILE A 188 -22.13 -17.05 4.51
C ILE A 188 -23.56 -17.01 3.93
N ALA A 189 -23.97 -18.08 3.24
CA ALA A 189 -25.34 -18.15 2.67
C ALA A 189 -26.44 -18.03 3.75
N THR A 190 -26.24 -18.69 4.88
CA THR A 190 -27.14 -18.59 6.07
C THR A 190 -27.34 -17.14 6.53
N ARG A 191 -26.24 -16.42 6.70
CA ARG A 191 -26.29 -14.99 7.07
C ARG A 191 -26.86 -14.13 5.95
N ALA A 192 -26.48 -14.44 4.71
CA ALA A 192 -26.92 -13.64 3.54
C ALA A 192 -28.44 -13.66 3.28
N ARG A 193 -29.06 -14.82 3.51
CA ARG A 193 -30.51 -15.01 3.25
C ARG A 193 -31.37 -14.02 4.04
N GLY A 194 -30.93 -13.67 5.25
CA GLY A 194 -31.65 -12.71 6.10
C GLY A 194 -31.75 -11.31 5.53
N PHE A 195 -30.82 -10.97 4.64
CA PHE A 195 -30.82 -9.66 3.98
C PHE A 195 -31.64 -9.61 2.71
N GLY A 196 -32.26 -10.74 2.37
CA GLY A 196 -33.08 -10.83 1.15
C GLY A 196 -32.25 -11.16 -0.10
N LEU A 197 -31.01 -11.60 0.11
CA LEU A 197 -30.18 -12.04 -0.99
C LEU A 197 -30.55 -13.43 -1.48
N ALA A 198 -30.69 -13.58 -2.80
CA ALA A 198 -30.90 -14.88 -3.40
C ALA A 198 -29.57 -15.57 -3.58
N ILE A 199 -29.47 -16.82 -3.15
CA ILE A 199 -28.17 -17.51 -3.16
C ILE A 199 -27.96 -18.32 -4.43
N HIS A 200 -26.86 -18.00 -5.10
CA HIS A 200 -26.37 -18.73 -6.27
C HIS A 200 -24.99 -19.26 -5.94
N TYR A 201 -24.60 -20.40 -6.51
CA TYR A 201 -23.29 -20.95 -6.22
C TYR A 201 -22.74 -21.85 -7.33
N HIS A 202 -21.43 -21.96 -7.35
CA HIS A 202 -20.72 -22.93 -8.22
C HIS A 202 -19.64 -23.67 -7.44
N ASN A 203 -19.81 -25.00 -7.37
CA ASN A 203 -18.83 -25.96 -6.88
C ASN A 203 -18.64 -26.93 -8.05
N ARG A 204 -17.56 -27.67 -8.07
CA ARG A 204 -17.34 -28.66 -9.13
C ARG A 204 -18.48 -29.64 -9.20
N THR A 205 -18.86 -30.14 -8.04
CA THR A 205 -19.99 -31.03 -7.90
C THR A 205 -21.12 -30.31 -7.13
N ARG A 206 -22.36 -30.55 -7.56
CA ARG A 206 -23.52 -30.01 -6.87
C ARG A 206 -23.63 -30.58 -5.46
N LEU A 207 -24.12 -29.76 -4.53
CA LEU A 207 -24.36 -30.19 -3.14
C LEU A 207 -25.66 -30.96 -3.00
N SER A 208 -25.75 -31.74 -1.92
CA SER A 208 -26.98 -32.43 -1.56
C SER A 208 -28.11 -31.44 -1.33
N HIS A 209 -29.35 -31.92 -1.45
CA HIS A 209 -30.53 -31.12 -1.20
C HIS A 209 -30.46 -30.45 0.18
N ALA A 210 -30.14 -31.26 1.20
CA ALA A 210 -30.00 -30.77 2.58
C ALA A 210 -29.07 -29.56 2.67
N LEU A 211 -27.86 -29.70 2.12
CA LEU A 211 -26.86 -28.63 2.20
C LEU A 211 -27.13 -27.42 1.29
N GLU A 212 -27.85 -27.62 0.20
CA GLU A 212 -28.17 -26.56 -0.74
C GLU A 212 -29.13 -25.50 -0.19
N GLU A 213 -30.10 -25.94 0.59
CA GLU A 213 -31.14 -25.07 1.12
C GLU A 213 -31.64 -24.12 0.10
N GLY A 214 -31.77 -24.61 -1.10
CA GLY A 214 -32.39 -23.88 -2.13
C GLY A 214 -31.45 -23.01 -2.91
N ALA A 215 -30.14 -22.99 -2.64
CA ALA A 215 -29.33 -22.16 -3.49
C ALA A 215 -29.42 -22.66 -4.92
N ILE A 216 -29.25 -21.75 -5.87
CA ILE A 216 -29.21 -22.11 -7.31
C ILE A 216 -27.81 -22.57 -7.71
N TYR A 217 -27.72 -23.80 -8.21
CA TYR A 217 -26.44 -24.34 -8.64
C TYR A 217 -26.09 -23.94 -10.06
N HIS A 218 -24.85 -23.50 -10.25
CA HIS A 218 -24.33 -23.23 -11.59
C HIS A 218 -23.30 -24.25 -11.95
N ASP A 219 -23.54 -24.91 -13.07
CA ASP A 219 -22.71 -25.96 -13.63
C ASP A 219 -21.29 -25.47 -13.88
N THR A 220 -21.15 -24.22 -14.33
CA THR A 220 -19.85 -23.65 -14.65
C THR A 220 -19.61 -22.34 -13.89
N LEU A 221 -18.34 -22.00 -13.67
CA LEU A 221 -18.00 -20.69 -13.10
C LEU A 221 -18.46 -19.52 -13.98
N ASP A 222 -18.42 -19.69 -15.32
CA ASP A 222 -18.99 -18.69 -16.23
C ASP A 222 -20.46 -18.39 -15.99
N SER A 223 -21.23 -19.44 -15.70
CA SER A 223 -22.66 -19.30 -15.48
C SER A 223 -22.88 -18.53 -14.18
N LEU A 224 -22.10 -18.88 -13.16
CA LEU A 224 -22.22 -18.20 -11.86
C LEU A 224 -21.89 -16.71 -12.00
N LEU A 225 -20.76 -16.41 -12.64
CA LEU A 225 -20.35 -15.01 -12.80
C LEU A 225 -21.44 -14.11 -13.41
N GLY A 226 -22.09 -14.63 -14.45
CA GLY A 226 -23.15 -13.90 -15.17
C GLY A 226 -24.41 -13.64 -14.37
N ALA A 227 -24.58 -14.36 -13.27
CA ALA A 227 -25.76 -14.27 -12.42
C ALA A 227 -25.45 -13.59 -11.07
N SER A 228 -24.22 -13.12 -10.89
CA SER A 228 -23.77 -12.56 -9.58
C SER A 228 -23.84 -11.03 -9.50
N ASP A 229 -24.81 -10.49 -8.74
CA ASP A 229 -24.82 -9.06 -8.39
C ASP A 229 -23.74 -8.75 -7.35
N ILE A 230 -23.56 -9.70 -6.45
CA ILE A 230 -22.39 -9.78 -5.56
C ILE A 230 -21.72 -11.14 -5.81
N PHE A 231 -20.47 -11.09 -6.27
CA PHE A 231 -19.66 -12.29 -6.55
C PHE A 231 -18.66 -12.51 -5.44
N LEU A 232 -18.78 -13.62 -4.71
CA LEU A 232 -17.97 -13.83 -3.51
C LEU A 232 -17.10 -15.08 -3.66
N ILE A 233 -15.80 -14.94 -3.42
CA ILE A 233 -14.84 -16.07 -3.48
C ILE A 233 -14.65 -16.64 -2.10
N ALA A 234 -15.16 -17.87 -1.89
CA ALA A 234 -14.95 -18.63 -0.65
C ALA A 234 -14.18 -19.93 -0.96
N ALA A 235 -13.81 -20.16 -2.22
CA ALA A 235 -13.10 -21.39 -2.66
C ALA A 235 -11.67 -21.45 -2.14
N PRO A 236 -11.27 -22.57 -1.50
CA PRO A 236 -9.86 -22.74 -1.15
C PRO A 236 -8.93 -22.54 -2.36
N GLY A 237 -7.77 -21.93 -2.11
CA GLY A 237 -6.81 -21.65 -3.17
C GLY A 237 -6.13 -22.92 -3.69
N ARG A 238 -5.92 -22.96 -4.99
CA ARG A 238 -5.25 -24.07 -5.68
C ARG A 238 -4.34 -23.46 -6.75
N PRO A 239 -3.30 -24.20 -7.16
CA PRO A 239 -2.44 -23.71 -8.23
C PRO A 239 -3.24 -23.34 -9.48
N GLU A 240 -4.22 -24.18 -9.84
CA GLU A 240 -4.99 -23.96 -11.06
C GLU A 240 -5.88 -22.73 -10.99
N LEU A 241 -6.28 -22.35 -9.77
CA LEU A 241 -7.14 -21.18 -9.55
C LEU A 241 -6.42 -19.83 -9.44
N LYS A 242 -5.10 -19.86 -9.31
CA LYS A 242 -4.32 -18.63 -9.22
C LYS A 242 -4.66 -17.67 -10.36
N GLY A 243 -5.07 -16.46 -10.01
CA GLY A 243 -5.40 -15.43 -10.99
C GLY A 243 -6.60 -15.70 -11.87
N PHE A 244 -7.54 -16.54 -11.43
CA PHE A 244 -8.70 -16.85 -12.24
C PHE A 244 -9.60 -15.62 -12.49
N LEU A 245 -9.70 -14.74 -11.50
CA LEU A 245 -10.57 -13.57 -11.65
C LEU A 245 -9.83 -12.48 -12.40
N ASP A 246 -9.88 -12.56 -13.71
CA ASP A 246 -9.09 -11.71 -14.59
C ASP A 246 -10.00 -10.81 -15.41
N HIS A 247 -9.45 -10.15 -16.42
CA HIS A 247 -10.21 -9.19 -17.20
C HIS A 247 -11.46 -9.79 -17.83
N ASP A 248 -11.28 -10.94 -18.50
CA ASP A 248 -12.37 -11.63 -19.17
C ASP A 248 -13.48 -12.09 -18.23
N ARG A 249 -13.10 -12.60 -17.07
CA ARG A 249 -14.09 -13.15 -16.14
C ARG A 249 -14.84 -12.03 -15.42
N ILE A 250 -14.15 -10.94 -15.13
CA ILE A 250 -14.82 -9.78 -14.53
C ILE A 250 -15.84 -9.18 -15.50
N ALA A 251 -15.52 -9.22 -16.79
CA ALA A 251 -16.42 -8.72 -17.83
C ALA A 251 -17.73 -9.50 -17.87
N LYS A 252 -17.69 -10.77 -17.48
CA LYS A 252 -18.89 -11.60 -17.48
C LYS A 252 -19.86 -11.26 -16.33
N ILE A 253 -19.35 -10.61 -15.29
CA ILE A 253 -20.16 -10.22 -14.16
C ILE A 253 -21.05 -9.03 -14.60
N PRO A 254 -22.34 -9.03 -14.20
CA PRO A 254 -23.23 -7.89 -14.53
C PRO A 254 -22.66 -6.55 -14.08
N GLU A 255 -22.76 -5.55 -14.95
CA GLU A 255 -22.30 -4.20 -14.64
C GLU A 255 -22.95 -3.68 -13.37
N GLY A 256 -22.13 -3.05 -12.52
CA GLY A 256 -22.60 -2.54 -11.23
C GLY A 256 -22.50 -3.54 -10.08
N ALA A 257 -21.82 -4.66 -10.32
CA ALA A 257 -21.68 -5.70 -9.30
C ALA A 257 -20.64 -5.36 -8.23
N VAL A 258 -20.63 -6.17 -7.18
CA VAL A 258 -19.62 -6.11 -6.09
C VAL A 258 -18.86 -7.46 -6.04
N VAL A 259 -17.55 -7.37 -5.87
CA VAL A 259 -16.69 -8.55 -5.71
C VAL A 259 -16.14 -8.60 -4.28
N ILE A 260 -16.23 -9.79 -3.66
CA ILE A 260 -15.72 -10.03 -2.30
C ILE A 260 -14.73 -11.21 -2.37
N ASN A 261 -13.61 -11.10 -1.65
CA ASN A 261 -12.66 -12.21 -1.52
C ASN A 261 -12.25 -12.42 -0.08
N ILE A 262 -12.54 -13.60 0.47
CA ILE A 262 -12.07 -13.96 1.79
C ILE A 262 -11.16 -15.21 1.81
N SER A 263 -10.92 -15.80 0.65
CA SER A 263 -10.13 -17.04 0.56
CA SER A 263 -10.14 -17.05 0.58
C SER A 263 -8.63 -16.80 0.43
N ARG A 264 -8.17 -16.46 -0.77
CA ARG A 264 -6.79 -16.06 -0.84
C ARG A 264 -6.53 -15.11 -1.96
N GLY A 265 -5.62 -14.20 -1.71
CA GLY A 265 -5.41 -13.05 -2.56
C GLY A 265 -5.03 -13.33 -3.99
N ASP A 266 -4.18 -14.35 -4.21
CA ASP A 266 -3.67 -14.62 -5.56
C ASP A 266 -4.70 -15.19 -6.53
N LEU A 267 -5.90 -15.42 -6.03
CA LEU A 267 -7.04 -15.76 -6.89
C LEU A 267 -7.53 -14.62 -7.76
N ILE A 268 -7.20 -13.38 -7.37
CA ILE A 268 -7.64 -12.20 -8.12
C ILE A 268 -6.46 -11.55 -8.85
N ASN A 269 -6.71 -11.18 -10.10
CA ASN A 269 -5.81 -10.36 -10.89
C ASN A 269 -6.05 -8.92 -10.44
N ASP A 270 -5.12 -8.40 -9.64
CA ASP A 270 -5.22 -7.04 -9.10
C ASP A 270 -5.43 -5.97 -10.17
N ASP A 271 -4.70 -6.04 -11.28
CA ASP A 271 -4.86 -5.09 -12.39
C ASP A 271 -6.31 -5.08 -12.91
N ALA A 272 -6.86 -6.27 -13.13
CA ALA A 272 -8.21 -6.40 -13.64
C ALA A 272 -9.24 -5.87 -12.64
N LEU A 273 -9.05 -6.18 -11.35
CA LEU A 273 -10.01 -5.75 -10.32
C LEU A 273 -10.01 -4.22 -10.19
N ILE A 274 -8.83 -3.67 -9.97
CA ILE A 274 -8.66 -2.21 -9.93
C ILE A 274 -9.20 -1.49 -11.17
N GLU A 275 -8.91 -2.01 -12.37
CA GLU A 275 -9.40 -1.42 -13.61
C GLU A 275 -10.93 -1.37 -13.68
N ALA A 276 -11.59 -2.42 -13.19
CA ALA A 276 -13.05 -2.49 -13.25
C ALA A 276 -13.72 -1.64 -12.16
N LEU A 277 -13.03 -1.46 -11.04
CA LEU A 277 -13.50 -0.58 -9.95
C LEU A 277 -13.48 0.87 -10.38
N ARG A 278 -12.64 1.17 -11.37
CA ARG A 278 -12.54 2.51 -11.95
C ARG A 278 -13.51 2.81 -13.10
N SER A 279 -13.69 1.85 -14.01
CA SER A 279 -14.70 2.00 -15.07
C SER A 279 -16.11 1.97 -14.45
N LYS A 280 -16.21 1.46 -13.22
CA LYS A 280 -17.48 1.29 -12.55
C LYS A 280 -18.24 0.12 -13.09
N HIS A 281 -17.57 -0.71 -13.91
CA HIS A 281 -18.17 -2.00 -14.22
C HIS A 281 -18.46 -2.70 -12.90
N LEU A 282 -17.57 -2.53 -11.92
CA LEU A 282 -17.86 -2.95 -10.54
C LEU A 282 -18.13 -1.73 -9.68
N PHE A 283 -19.25 -1.79 -8.96
CA PHE A 283 -19.63 -0.72 -8.05
C PHE A 283 -18.60 -0.58 -6.93
N ALA A 284 -18.21 -1.71 -6.33
CA ALA A 284 -17.32 -1.71 -5.19
C ALA A 284 -16.71 -3.11 -4.98
N ALA A 285 -15.76 -3.21 -4.06
CA ALA A 285 -15.20 -4.49 -3.63
C ALA A 285 -14.94 -4.54 -2.14
N GLY A 286 -14.81 -5.75 -1.59
CA GLY A 286 -14.41 -5.96 -0.18
C GLY A 286 -13.39 -7.09 -0.18
N LEU A 287 -12.23 -6.87 0.44
CA LEU A 287 -11.13 -7.84 0.40
C LEU A 287 -10.57 -8.03 1.81
N ASP A 288 -10.38 -9.29 2.22
CA ASP A 288 -9.72 -9.65 3.47
C ASP A 288 -8.35 -10.30 3.22
N VAL A 289 -8.08 -10.59 1.97
CA VAL A 289 -6.86 -11.30 1.55
C VAL A 289 -6.37 -10.62 0.29
N PHE A 290 -5.07 -10.62 0.08
CA PHE A 290 -4.45 -9.90 -1.04
C PHE A 290 -3.25 -10.67 -1.57
N ALA A 291 -3.04 -10.59 -2.87
CA ALA A 291 -1.84 -11.12 -3.47
C ALA A 291 -0.66 -10.44 -2.81
N ASN A 292 0.33 -11.24 -2.41
CA ASN A 292 1.60 -10.76 -1.84
C ASN A 292 1.50 -10.09 -0.49
N GLU A 293 0.41 -10.35 0.23
CA GLU A 293 0.22 -9.75 1.54
C GLU A 293 1.41 -10.10 2.44
N PRO A 294 1.83 -9.16 3.31
CA PRO A 294 1.15 -7.89 3.55
C PRO A 294 1.53 -6.75 2.60
N ALA A 295 2.39 -7.02 1.62
CA ALA A 295 2.77 -6.02 0.61
C ALA A 295 1.76 -5.99 -0.53
N ILE A 296 0.58 -5.47 -0.22
CA ILE A 296 -0.53 -5.50 -1.16
C ILE A 296 -0.36 -4.46 -2.26
N ASP A 297 -1.14 -4.57 -3.33
CA ASP A 297 -1.07 -3.58 -4.38
C ASP A 297 -1.30 -2.20 -3.76
N PRO A 298 -0.39 -1.25 -4.04
CA PRO A 298 -0.45 0.04 -3.37
C PRO A 298 -1.57 0.96 -3.90
N ARG A 299 -2.23 0.56 -4.97
CA ARG A 299 -3.38 1.29 -5.47
C ARG A 299 -4.67 1.08 -4.66
N TYR A 300 -4.80 -0.07 -4.00
CA TYR A 300 -6.01 -0.38 -3.27
C TYR A 300 -6.40 0.72 -2.26
N ARG A 301 -5.42 1.19 -1.49
CA ARG A 301 -5.70 2.16 -0.42
C ARG A 301 -6.21 3.53 -0.92
N SER A 302 -5.99 3.84 -2.21
CA SER A 302 -6.46 5.08 -2.81
C SER A 302 -7.83 4.97 -3.51
N LEU A 303 -8.49 3.80 -3.41
CA LEU A 303 -9.81 3.61 -4.03
C LEU A 303 -10.88 3.91 -3.00
N ASP A 304 -11.86 4.76 -3.36
CA ASP A 304 -12.91 5.04 -2.42
C ASP A 304 -13.94 3.92 -2.36
N ASN A 305 -14.09 3.18 -3.45
CA ASN A 305 -15.10 2.12 -3.56
C ASN A 305 -14.58 0.71 -3.16
N ILE A 306 -13.83 0.65 -2.05
CA ILE A 306 -13.32 -0.61 -1.55
C ILE A 306 -13.34 -0.58 -0.03
N PHE A 307 -13.56 -1.73 0.61
CA PHE A 307 -13.27 -1.86 2.03
C PHE A 307 -12.21 -2.94 2.17
N LEU A 308 -11.30 -2.76 3.11
CA LEU A 308 -10.12 -3.64 3.24
C LEU A 308 -9.97 -4.10 4.65
N THR A 309 -9.74 -5.40 4.84
CA THR A 309 -9.45 -5.90 6.18
C THR A 309 -8.17 -6.75 6.12
N PRO A 310 -7.38 -6.76 7.21
CA PRO A 310 -6.05 -7.38 7.18
C PRO A 310 -6.05 -8.88 7.52
N HIS A 311 -6.75 -9.65 6.70
CA HIS A 311 -6.77 -11.11 6.82
C HIS A 311 -7.20 -11.44 8.24
N ILE A 312 -8.34 -10.85 8.64
CA ILE A 312 -8.90 -11.11 9.96
C ILE A 312 -10.12 -12.03 9.96
N GLY A 313 -10.35 -12.74 8.87
CA GLY A 313 -11.46 -13.66 8.74
C GLY A 313 -11.75 -14.47 9.98
N SER A 314 -10.74 -15.17 10.53
CA SER A 314 -10.97 -16.03 11.72
C SER A 314 -10.67 -15.35 13.06
N ALA A 315 -10.51 -14.03 13.05
CA ALA A 315 -10.04 -13.23 14.22
C ALA A 315 -11.11 -12.92 15.29
N THR A 316 -11.68 -13.96 15.89
CA THR A 316 -12.44 -13.82 17.13
C THR A 316 -11.79 -14.62 18.23
N HIS A 317 -11.91 -14.17 19.47
CA HIS A 317 -11.38 -14.92 20.59
C HIS A 317 -11.89 -16.35 20.56
N GLU A 318 -13.18 -16.49 20.25
CA GLU A 318 -13.83 -17.80 20.28
C GLU A 318 -13.23 -18.78 19.25
N THR A 319 -12.96 -18.29 18.05
CA THR A 319 -12.40 -19.10 16.98
C THR A 319 -10.92 -19.35 17.18
N ARG A 320 -10.14 -18.31 17.52
CA ARG A 320 -8.71 -18.57 17.81
C ARG A 320 -8.51 -19.49 19.03
N ASP A 321 -9.36 -19.34 20.04
CA ASP A 321 -9.36 -20.28 21.17
C ASP A 321 -9.72 -21.71 20.73
N ALA A 322 -10.75 -21.85 19.90
CA ALA A 322 -11.15 -23.17 19.38
C ALA A 322 -10.02 -23.84 18.61
N GLY A 324 -6.82 -23.35 19.10
CA GLY A 324 -5.83 -23.70 20.11
C GLY A 324 -6.25 -24.97 20.83
N TRP A 325 -7.53 -25.07 21.15
CA TRP A 325 -8.01 -26.29 21.81
C TRP A 325 -7.89 -27.56 20.91
N LEU A 326 -8.07 -27.43 19.61
CA LEU A 326 -7.83 -28.57 18.70
C LEU A 326 -6.40 -29.05 18.81
N LEU A 327 -5.44 -28.13 18.94
CA LEU A 327 -4.04 -28.54 19.08
C LEU A 327 -3.79 -29.18 20.43
N ILE A 328 -4.34 -28.59 21.50
CA ILE A 328 -4.14 -29.10 22.86
C ILE A 328 -4.69 -30.53 22.95
N GLN A 329 -5.91 -30.72 22.44
CA GLN A 329 -6.56 -32.02 22.49
C GLN A 329 -5.76 -33.04 21.66
N GLY A 330 -5.23 -32.58 20.52
CA GLY A 330 -4.39 -33.41 19.65
C GLY A 330 -3.10 -33.90 20.30
N ILE A 331 -2.41 -33.01 21.01
CA ILE A 331 -1.18 -33.37 21.73
C ILE A 331 -1.49 -34.34 22.88
N GLU A 332 -2.56 -34.08 23.61
CA GLU A 332 -2.92 -34.97 24.71
C GLU A 332 -3.20 -36.38 24.19
N ALA A 333 -3.86 -36.46 23.02
CA ALA A 333 -4.14 -37.75 22.39
C ALA A 333 -2.83 -38.45 22.01
N LEU A 334 -1.94 -37.72 21.36
CA LEU A 334 -0.64 -38.27 21.01
C LEU A 334 0.12 -38.76 22.23
N ASN A 335 0.02 -38.01 23.33
CA ASN A 335 0.71 -38.36 24.59
C ASN A 335 0.18 -39.66 25.20
N GLN A 336 -1.07 -39.98 24.93
CA GLN A 336 -1.67 -41.27 25.31
C GLN A 336 -1.53 -42.36 24.22
N SER A 337 -0.79 -42.09 23.15
CA SER A 337 -0.71 -42.99 21.98
C SER A 337 -2.04 -43.22 21.21
N ASP A 338 -3.01 -42.31 21.39
CA ASP A 338 -4.21 -42.27 20.56
C ASP A 338 -3.88 -41.63 19.22
N VAL A 339 -4.75 -41.82 18.22
CA VAL A 339 -4.65 -41.16 16.93
C VAL A 339 -5.67 -40.02 16.90
N PRO A 340 -5.21 -38.76 17.04
CA PRO A 340 -6.12 -37.62 16.95
C PRO A 340 -6.70 -37.49 15.53
N ASP A 341 -7.88 -36.90 15.39
CA ASP A 341 -8.49 -36.74 14.07
C ASP A 341 -7.78 -35.66 13.24
N ASN A 342 -7.01 -34.79 13.91
CA ASN A 342 -6.34 -33.66 13.20
C ASN A 342 -4.85 -33.94 12.93
N LEU A 343 -4.48 -35.22 12.96
CA LEU A 343 -3.13 -35.69 12.58
C LEU A 343 -3.04 -35.75 11.08
N ILE A 344 -2.05 -35.05 10.52
CA ILE A 344 -1.82 -35.04 9.08
C ILE A 344 -0.98 -36.26 8.69
N SER A 345 -1.45 -37.02 7.69
CA SER A 345 -0.70 -38.19 7.17
C SER A 345 0.50 -37.74 6.35
N PRO B 27 67.68 -9.69 1.46
CA PRO B 27 67.27 -9.92 2.86
C PRO B 27 65.74 -10.09 2.97
N ILE B 28 65.00 -9.03 2.62
CA ILE B 28 63.54 -9.11 2.48
C ILE B 28 63.18 -9.34 1.01
N GLN B 29 61.92 -9.72 0.78
CA GLN B 29 61.44 -10.17 -0.53
C GLN B 29 61.37 -9.07 -1.58
N LYS B 30 61.77 -9.41 -2.81
CA LYS B 30 61.59 -8.54 -3.97
C LYS B 30 60.18 -8.75 -4.49
N ALA B 31 59.52 -7.66 -4.77
CA ALA B 31 58.14 -7.72 -5.26
C ALA B 31 57.95 -6.75 -6.40
N PHE B 32 57.11 -7.16 -7.37
CA PHE B 32 56.74 -6.29 -8.47
C PHE B 32 55.23 -6.12 -8.47
N LEU B 33 54.79 -4.86 -8.60
CA LEU B 33 53.38 -4.48 -8.54
C LEU B 33 52.96 -4.04 -9.92
N CYS B 34 52.08 -4.82 -10.55
CA CYS B 34 51.73 -4.65 -11.95
C CYS B 34 50.73 -3.52 -12.25
N ARG B 35 49.92 -3.15 -11.25
CA ARG B 35 48.98 -2.03 -11.43
C ARG B 35 49.08 -1.19 -10.17
N ARG B 36 48.81 0.12 -10.28
CA ARG B 36 48.82 0.95 -9.07
C ARG B 36 47.70 0.46 -8.13
N PHE B 37 48.05 0.22 -6.88
CA PHE B 37 47.00 -0.01 -5.88
C PHE B 37 46.75 1.30 -5.13
N THR B 38 45.84 1.27 -4.15
CA THR B 38 45.54 2.49 -3.40
C THR B 38 46.76 2.88 -2.58
N PRO B 39 46.98 4.20 -2.37
CA PRO B 39 48.14 4.70 -1.66
C PRO B 39 48.37 4.08 -0.27
N ALA B 40 47.30 3.80 0.48
CA ALA B 40 47.45 3.13 1.77
C ALA B 40 48.10 1.75 1.62
N ILE B 41 47.73 1.03 0.55
CA ILE B 41 48.26 -0.31 0.30
C ILE B 41 49.71 -0.26 -0.23
N GLU B 42 49.98 0.66 -1.14
CA GLU B 42 51.34 0.85 -1.68
C GLU B 42 52.35 1.27 -0.61
N ALA B 43 51.93 2.14 0.32
CA ALA B 43 52.79 2.57 1.44
C ALA B 43 53.22 1.35 2.23
N GLU B 44 52.23 0.54 2.59
CA GLU B 44 52.46 -0.69 3.32
C GLU B 44 53.35 -1.67 2.54
N LEU B 45 53.12 -1.77 1.22
CA LEU B 45 53.93 -2.65 0.40
C LEU B 45 55.39 -2.19 0.34
N ARG B 46 55.62 -0.88 0.21
CA ARG B 46 56.98 -0.37 0.16
C ARG B 46 57.73 -0.60 1.47
N GLN B 47 56.97 -0.68 2.55
CA GLN B 47 57.54 -0.95 3.87
C GLN B 47 57.87 -2.43 4.11
N ARG B 48 57.12 -3.34 3.48
CA ARG B 48 57.28 -4.79 3.70
C ARG B 48 58.12 -5.50 2.64
N PHE B 49 58.35 -4.84 1.48
CA PHE B 49 59.09 -5.44 0.38
C PHE B 49 60.08 -4.47 -0.21
N ASP B 50 61.04 -5.02 -0.93
CA ASP B 50 61.85 -4.30 -1.93
C ASP B 50 60.94 -4.19 -3.18
N LEU B 51 60.21 -3.08 -3.28
CA LEU B 51 59.11 -2.98 -4.22
C LEU B 51 59.48 -2.20 -5.47
N GLU B 52 59.18 -2.77 -6.63
CA GLU B 52 59.23 -2.10 -7.92
C GLU B 52 57.78 -2.03 -8.45
N VAL B 53 57.43 -0.93 -9.09
CA VAL B 53 56.03 -0.65 -9.44
C VAL B 53 55.91 -0.27 -10.90
N ASN B 54 54.85 -0.72 -11.55
CA ASN B 54 54.49 -0.19 -12.87
C ASN B 54 53.86 1.21 -12.68
N LEU B 55 54.71 2.22 -12.58
CA LEU B 55 54.28 3.54 -12.13
C LEU B 55 53.18 4.09 -13.04
N GLU B 56 53.31 3.78 -14.33
CA GLU B 56 52.43 4.31 -15.37
C GLU B 56 51.03 3.72 -15.38
N ASP B 57 50.81 2.65 -14.60
CA ASP B 57 49.51 1.98 -14.46
C ASP B 57 48.94 1.43 -15.78
N THR B 58 49.82 1.17 -16.73
CA THR B 58 49.43 0.53 -18.00
C THR B 58 49.11 -0.95 -17.77
N VAL B 59 48.35 -1.55 -18.67
CA VAL B 59 48.21 -3.00 -18.66
C VAL B 59 49.41 -3.59 -19.37
N LEU B 60 50.24 -4.29 -18.61
CA LEU B 60 51.43 -4.90 -19.20
C LEU B 60 51.08 -6.19 -19.92
N THR B 61 51.67 -6.39 -21.10
CA THR B 61 51.54 -7.63 -21.86
C THR B 61 52.34 -8.71 -21.15
N PRO B 62 52.08 -9.99 -21.47
CA PRO B 62 52.93 -11.06 -20.93
C PRO B 62 54.44 -10.84 -21.13
N SER B 63 54.89 -10.33 -22.29
CA SER B 63 56.32 -10.05 -22.45
C SER B 63 56.74 -8.87 -21.57
N GLY B 64 55.89 -7.85 -21.47
CA GLY B 64 56.20 -6.68 -20.63
C GLY B 64 56.27 -7.02 -19.16
N ILE B 65 55.39 -7.91 -18.72
CA ILE B 65 55.40 -8.36 -17.33
C ILE B 65 56.71 -9.13 -17.05
N ALA B 66 57.10 -10.00 -17.97
CA ALA B 66 58.30 -10.81 -17.80
C ALA B 66 59.52 -9.90 -17.76
N SER B 67 59.52 -8.89 -18.61
CA SER B 67 60.61 -7.93 -18.65
C SER B 67 60.75 -7.17 -17.33
N ARG B 68 59.65 -6.57 -16.88
CA ARG B 68 59.66 -5.71 -15.69
C ARG B 68 59.86 -6.45 -14.38
N ALA B 69 59.26 -7.63 -14.25
CA ALA B 69 59.21 -8.33 -12.98
C ALA B 69 60.38 -9.31 -12.77
N HIS B 70 61.30 -9.37 -13.72
CA HIS B 70 62.41 -10.32 -13.59
C HIS B 70 63.16 -10.06 -12.29
N GLY B 71 63.35 -11.13 -11.51
CA GLY B 71 64.05 -11.03 -10.23
C GLY B 71 63.10 -11.02 -9.04
N ALA B 72 61.83 -10.73 -9.31
CA ALA B 72 60.82 -10.66 -8.26
C ALA B 72 60.56 -12.01 -7.65
N GLU B 73 60.29 -12.02 -6.36
CA GLU B 73 59.92 -13.23 -5.65
C GLU B 73 58.41 -13.25 -5.45
N VAL B 74 57.82 -12.06 -5.38
CA VAL B 74 56.37 -11.90 -5.21
C VAL B 74 55.84 -11.03 -6.35
N LEU B 75 54.82 -11.53 -7.03
CA LEU B 75 54.18 -10.77 -8.12
C LEU B 75 52.76 -10.35 -7.73
N PHE B 76 52.55 -9.03 -7.63
CA PHE B 76 51.21 -8.48 -7.33
C PHE B 76 50.50 -8.13 -8.62
N VAL B 77 49.37 -8.78 -8.85
CA VAL B 77 48.65 -8.64 -10.13
C VAL B 77 47.15 -8.34 -9.92
N THR B 78 46.44 -8.15 -11.02
CA THR B 78 44.98 -8.05 -11.04
C THR B 78 44.49 -8.86 -12.23
N ALA B 79 43.17 -8.89 -12.42
CA ALA B 79 42.53 -9.54 -13.58
C ALA B 79 43.04 -9.06 -14.94
N THR B 80 43.63 -7.87 -14.99
CA THR B 80 44.09 -7.34 -16.28
C THR B 80 45.43 -7.96 -16.71
N GLU B 81 46.09 -8.65 -15.79
CA GLU B 81 47.38 -9.27 -16.09
C GLU B 81 47.23 -10.72 -16.53
N ALA B 82 47.68 -11.03 -17.74
CA ALA B 82 47.66 -12.40 -18.27
C ALA B 82 48.93 -13.13 -17.84
N ILE B 83 48.82 -13.82 -16.71
CA ILE B 83 49.92 -14.58 -16.15
C ILE B 83 49.91 -15.98 -16.77
N THR B 84 50.50 -16.08 -17.96
CA THR B 84 50.57 -17.33 -18.73
C THR B 84 51.70 -18.23 -18.24
N ALA B 85 51.71 -19.48 -18.71
CA ALA B 85 52.78 -20.43 -18.40
C ALA B 85 54.13 -19.84 -18.78
N GLU B 86 54.15 -19.14 -19.90
CA GLU B 86 55.36 -18.51 -20.40
C GLU B 86 55.92 -17.48 -19.43
N VAL B 87 55.05 -16.61 -18.93
CA VAL B 87 55.42 -15.58 -17.94
C VAL B 87 56.03 -16.22 -16.69
N ILE B 88 55.32 -17.21 -16.16
CA ILE B 88 55.76 -17.93 -14.97
C ILE B 88 57.14 -18.59 -15.11
N ARG B 89 57.42 -19.20 -16.28
CA ARG B 89 58.73 -19.84 -16.47
C ARG B 89 59.83 -18.80 -16.66
N LYS B 90 59.53 -17.71 -17.38
CA LYS B 90 60.50 -16.61 -17.54
C LYS B 90 60.88 -15.93 -16.22
N LEU B 91 60.00 -16.04 -15.22
CA LEU B 91 60.26 -15.44 -13.92
C LEU B 91 60.91 -16.40 -12.91
N GLN B 92 61.27 -17.60 -13.35
CA GLN B 92 62.00 -18.55 -12.52
C GLN B 92 63.49 -18.22 -12.45
N PRO B 93 64.18 -18.60 -11.34
CA PRO B 93 63.67 -19.30 -10.15
C PRO B 93 63.05 -18.39 -9.07
N GLY B 94 63.19 -17.08 -9.24
CA GLY B 94 62.73 -16.11 -8.24
C GLY B 94 61.27 -16.24 -7.86
N LEU B 95 60.39 -16.28 -8.86
CA LEU B 95 58.96 -16.14 -8.63
C LEU B 95 58.42 -17.36 -7.91
N LYS B 96 57.95 -17.15 -6.69
CA LYS B 96 57.37 -18.23 -5.90
C LYS B 96 55.98 -17.90 -5.33
N THR B 97 55.52 -16.68 -5.54
CA THR B 97 54.20 -16.27 -5.03
C THR B 97 53.55 -15.27 -5.97
N ILE B 98 52.33 -15.59 -6.38
CA ILE B 98 51.51 -14.70 -7.20
C ILE B 98 50.29 -14.30 -6.37
N ALA B 99 50.11 -12.99 -6.18
CA ALA B 99 48.98 -12.45 -5.39
C ALA B 99 48.09 -11.60 -6.29
N THR B 100 46.83 -12.01 -6.43
CA THR B 100 45.91 -11.31 -7.35
C THR B 100 44.85 -10.52 -6.60
N LEU B 101 44.75 -9.23 -6.91
CA LEU B 101 43.72 -8.38 -6.32
C LEU B 101 42.42 -8.64 -7.09
N SER B 102 41.78 -9.79 -6.81
CA SER B 102 40.56 -10.21 -7.53
C SER B 102 40.01 -11.53 -6.97
N VAL B 103 38.71 -11.74 -7.10
CA VAL B 103 38.10 -13.01 -6.68
C VAL B 103 38.52 -14.14 -7.61
N GLY B 104 38.44 -13.89 -8.92
CA GLY B 104 38.71 -14.92 -9.92
C GLY B 104 40.19 -15.01 -10.26
N TYR B 105 40.59 -16.15 -10.80
CA TYR B 105 41.96 -16.33 -11.09
C TYR B 105 42.15 -16.96 -12.43
N ASP B 106 41.18 -16.74 -13.29
CA ASP B 106 41.18 -17.30 -14.62
C ASP B 106 42.39 -16.83 -15.43
N HIS B 107 42.92 -15.70 -15.05
CA HIS B 107 43.98 -15.09 -15.80
C HIS B 107 45.32 -15.65 -15.44
N ILE B 108 45.36 -16.57 -14.47
CA ILE B 108 46.59 -17.25 -14.04
C ILE B 108 46.60 -18.72 -14.46
N ASP B 109 47.67 -19.14 -15.14
CA ASP B 109 47.82 -20.55 -15.51
C ASP B 109 48.16 -21.39 -14.27
N ALA B 111 47.86 -24.70 -13.48
CA ALA B 111 48.62 -25.94 -13.65
C ALA B 111 50.13 -25.66 -13.78
N ALA B 112 50.46 -24.59 -14.49
CA ALA B 112 51.84 -24.10 -14.55
C ALA B 112 52.34 -23.72 -13.16
N ALA B 113 51.50 -22.98 -12.43
CA ALA B 113 51.80 -22.55 -11.06
C ALA B 113 52.01 -23.74 -10.11
N ARG B 114 51.10 -24.70 -10.14
CA ARG B 114 51.22 -25.90 -9.30
C ARG B 114 52.47 -26.75 -9.59
N SER B 115 52.81 -26.89 -10.87
CA SER B 115 53.94 -27.71 -11.28
C SER B 115 55.30 -27.13 -10.84
N LEU B 116 55.34 -25.83 -10.57
CA LEU B 116 56.56 -25.20 -10.04
C LEU B 116 56.49 -24.85 -8.55
N GLY B 117 55.42 -25.29 -7.90
CA GLY B 117 55.25 -25.09 -6.45
C GLY B 117 54.94 -23.65 -6.06
N ILE B 118 54.43 -22.87 -7.01
CA ILE B 118 54.13 -21.45 -6.78
C ILE B 118 52.81 -21.27 -6.03
N LYS B 119 52.86 -20.46 -4.96
CA LYS B 119 51.67 -20.18 -4.14
C LYS B 119 50.88 -19.07 -4.79
N VAL B 120 49.57 -19.29 -4.97
CA VAL B 120 48.71 -18.23 -5.51
C VAL B 120 47.74 -17.77 -4.43
N LEU B 121 47.62 -16.45 -4.30
CA LEU B 121 46.64 -15.85 -3.39
C LEU B 121 45.65 -14.94 -4.13
N HIS B 122 44.40 -14.96 -3.68
CA HIS B 122 43.37 -14.11 -4.27
C HIS B 122 42.57 -13.40 -3.17
N THR B 123 41.49 -12.71 -3.54
CA THR B 123 40.74 -11.86 -2.57
C THR B 123 39.25 -12.21 -2.50
N PRO B 124 38.91 -13.37 -1.91
CA PRO B 124 37.50 -13.77 -1.92
C PRO B 124 36.64 -12.97 -0.94
N ASP B 125 35.34 -12.91 -1.24
CA ASP B 125 34.29 -12.59 -0.25
C ASP B 125 34.25 -11.16 0.33
N VAL B 126 34.87 -10.18 -0.31
CA VAL B 126 34.85 -8.81 0.26
C VAL B 126 34.26 -7.72 -0.65
N LEU B 127 33.74 -8.13 -1.82
CA LEU B 127 33.28 -7.22 -2.87
C LEU B 127 31.77 -7.04 -2.99
N SER B 128 31.00 -7.93 -2.37
CA SER B 128 29.57 -8.03 -2.69
C SER B 128 28.77 -6.76 -2.43
N ASP B 129 29.06 -6.07 -1.33
CA ASP B 129 28.33 -4.86 -0.96
C ASP B 129 28.59 -3.72 -1.96
N ALA B 130 29.86 -3.49 -2.29
CA ALA B 130 30.19 -2.42 -3.23
C ALA B 130 29.57 -2.69 -4.60
N CYS B 131 29.69 -3.95 -5.04
CA CYS B 131 29.17 -4.37 -6.33
C CYS B 131 27.65 -4.27 -6.37
N ALA B 132 26.98 -4.69 -5.29
CA ALA B 132 25.54 -4.58 -5.22
C ALA B 132 25.07 -3.13 -5.30
N GLU B 133 25.85 -2.20 -4.74
CA GLU B 133 25.53 -0.78 -4.86
C GLU B 133 25.52 -0.31 -6.32
N ILE B 134 26.50 -0.72 -7.10
CA ILE B 134 26.59 -0.27 -8.49
C ILE B 134 25.46 -0.87 -9.31
N ALA B 135 25.12 -2.12 -9.01
CA ALA B 135 24.01 -2.78 -9.67
C ALA B 135 22.75 -1.96 -9.41
N LEU B 137 22.56 1.25 -8.49
CA LEU B 137 22.74 2.55 -9.18
C LEU B 137 22.32 2.43 -10.64
N LEU B 138 22.78 1.38 -11.30
CA LEU B 138 22.38 1.07 -12.69
C LEU B 138 20.88 0.83 -12.85
N VAL B 139 20.29 0.06 -11.94
CA VAL B 139 18.86 -0.21 -12.01
C VAL B 139 18.08 1.12 -11.92
N LEU B 140 18.43 1.94 -10.92
CA LEU B 140 17.77 3.20 -10.68
C LEU B 140 17.97 4.20 -11.84
N ASN B 141 19.22 4.36 -12.31
CA ASN B 141 19.48 5.25 -13.45
C ASN B 141 18.78 4.86 -14.74
N ALA B 142 18.69 3.54 -14.96
CA ALA B 142 18.02 3.01 -16.15
C ALA B 142 16.51 3.23 -16.03
N CYS B 143 15.91 2.75 -14.94
CA CYS B 143 14.48 2.91 -14.75
C CYS B 143 14.01 4.37 -14.66
N ARG B 144 14.82 5.21 -14.03
CA ARG B 144 14.38 6.58 -13.80
C ARG B 144 15.08 7.62 -14.68
N ARG B 145 15.84 7.16 -15.67
CA ARG B 145 16.40 8.03 -16.73
C ARG B 145 17.48 9.03 -16.26
N GLY B 146 18.42 8.51 -15.46
CA GLY B 146 19.46 9.32 -14.84
C GLY B 146 20.35 10.07 -15.81
N TYR B 147 20.75 9.40 -16.89
CA TYR B 147 21.55 10.09 -17.89
C TYR B 147 20.84 11.31 -18.46
N GLU B 148 19.63 11.10 -18.99
CA GLU B 148 18.86 12.17 -19.61
C GLU B 148 18.61 13.29 -18.59
N ALA B 149 18.35 12.87 -17.37
CA ALA B 149 18.03 13.78 -16.29
C ALA B 149 19.18 14.73 -16.01
N ASP B 150 20.37 14.19 -15.74
CA ASP B 150 21.53 15.01 -15.38
C ASP B 150 21.95 15.84 -16.58
N ARG B 151 21.88 15.25 -17.78
CA ARG B 151 22.16 16.01 -19.00
C ARG B 151 21.20 17.18 -19.14
N VAL B 153 19.60 18.91 -16.78
CA VAL B 153 19.88 19.99 -15.83
C VAL B 153 21.11 20.79 -16.28
N ARG B 154 22.14 20.09 -16.73
CA ARG B 154 23.40 20.76 -17.14
C ARG B 154 23.31 21.44 -18.47
N SER B 155 22.27 21.14 -19.24
CA SER B 155 22.18 21.61 -20.62
C SER B 155 21.95 23.12 -20.69
N GLY B 156 21.35 23.66 -19.64
CA GLY B 156 20.86 25.03 -19.64
C GLY B 156 19.50 25.25 -20.31
N SER B 157 18.89 24.20 -20.83
CA SER B 157 17.59 24.34 -21.47
C SER B 157 16.45 23.58 -20.78
N TRP B 158 16.68 23.13 -19.55
CA TRP B 158 15.61 22.54 -18.72
C TRP B 158 14.45 23.55 -18.57
N PRO B 159 13.26 23.23 -19.12
CA PRO B 159 12.19 24.23 -19.07
C PRO B 159 11.48 24.35 -17.73
N GLY B 160 11.83 23.47 -16.79
CA GLY B 160 11.19 23.45 -15.49
C GLY B 160 10.29 22.24 -15.40
N TRP B 161 9.84 21.94 -14.18
CA TRP B 161 8.95 20.80 -13.90
C TRP B 161 7.81 20.74 -14.93
N GLY B 162 7.50 19.52 -15.38
CA GLY B 162 6.36 19.27 -16.26
C GLY B 162 5.72 17.93 -15.93
N PRO B 163 4.41 17.79 -16.19
CA PRO B 163 3.70 16.56 -15.79
C PRO B 163 4.12 15.29 -16.53
N THR B 164 4.77 15.45 -17.68
CA THR B 164 5.24 14.28 -18.45
C THR B 164 6.75 14.35 -18.71
N GLN B 165 7.46 15.11 -17.88
CA GLN B 165 8.90 15.30 -18.09
C GLN B 165 9.66 14.10 -17.56
N LEU B 166 10.38 13.42 -18.46
CA LEU B 166 11.24 12.28 -18.12
C LEU B 166 10.59 11.22 -17.24
N LEU B 167 9.40 10.77 -17.66
CA LEU B 167 8.70 9.72 -16.90
C LEU B 167 9.46 8.43 -17.05
N GLY B 168 9.65 7.70 -15.96
CA GLY B 168 10.35 6.41 -16.03
C GLY B 168 9.47 5.34 -15.41
N GLY B 170 8.57 2.90 -12.29
CA GLY B 170 8.71 2.63 -10.86
C GLY B 170 9.07 1.17 -10.60
N LEU B 171 9.85 0.95 -9.53
CA LEU B 171 10.34 -0.37 -9.18
C LEU B 171 9.30 -1.17 -8.41
N THR B 172 8.38 -0.49 -7.73
CA THR B 172 7.42 -1.20 -6.85
C THR B 172 6.55 -2.13 -7.69
N GLY B 173 6.50 -3.40 -7.29
CA GLY B 173 5.66 -4.38 -7.96
C GLY B 173 6.26 -5.01 -9.19
N ARG B 174 7.42 -4.51 -9.63
CA ARG B 174 8.10 -5.14 -10.77
C ARG B 174 8.97 -6.32 -10.32
N ARG B 175 9.31 -7.16 -11.29
CA ARG B 175 10.08 -8.38 -11.06
C ARG B 175 11.51 -8.15 -11.50
N LEU B 176 12.44 -8.30 -10.54
CA LEU B 176 13.86 -8.32 -10.84
C LEU B 176 14.31 -9.77 -11.05
N GLY B 177 14.75 -10.07 -12.28
CA GLY B 177 15.18 -11.43 -12.62
C GLY B 177 16.68 -11.51 -12.65
N ILE B 178 17.25 -12.32 -11.78
CA ILE B 178 18.70 -12.39 -11.67
C ILE B 178 19.24 -13.68 -12.29
N PHE B 179 20.10 -13.53 -13.29
CA PHE B 179 20.79 -14.68 -13.86
C PHE B 179 22.09 -14.92 -13.12
N GLY B 180 22.20 -16.08 -12.47
CA GLY B 180 23.36 -16.39 -11.64
C GLY B 180 23.33 -15.63 -10.32
N GLY B 182 24.43 -15.48 -7.24
CA GLY B 182 25.44 -15.93 -6.29
C GLY B 182 25.54 -15.00 -5.10
N ARG B 183 26.73 -14.90 -4.53
CA ARG B 183 26.99 -13.95 -3.44
C ARG B 183 26.61 -12.54 -3.87
N ILE B 184 27.11 -12.09 -5.02
CA ILE B 184 26.79 -10.76 -5.52
C ILE B 184 25.30 -10.62 -5.82
N GLY B 185 24.74 -11.58 -6.54
CA GLY B 185 23.33 -11.56 -6.88
C GLY B 185 22.45 -11.53 -5.64
N ARG B 186 22.86 -12.19 -4.57
CA ARG B 186 22.03 -12.22 -3.35
C ARG B 186 22.06 -10.89 -2.57
N ALA B 187 23.21 -10.23 -2.58
CA ALA B 187 23.35 -8.90 -2.01
C ALA B 187 22.54 -7.87 -2.82
N ILE B 188 22.54 -7.99 -4.15
CA ILE B 188 21.64 -7.20 -4.98
C ILE B 188 20.17 -7.42 -4.59
N ALA B 189 19.78 -8.67 -4.40
CA ALA B 189 18.39 -9.00 -4.05
C ALA B 189 18.01 -8.42 -2.70
N THR B 190 18.94 -8.39 -1.76
CA THR B 190 18.70 -7.75 -0.47
C THR B 190 18.32 -6.27 -0.63
N ARG B 191 19.09 -5.55 -1.44
CA ARG B 191 18.84 -4.15 -1.67
C ARG B 191 17.59 -3.89 -2.51
N ALA B 192 17.34 -4.75 -3.49
CA ALA B 192 16.19 -4.65 -4.37
C ALA B 192 14.84 -4.89 -3.67
N ARG B 193 14.81 -5.80 -2.68
CA ARG B 193 13.58 -6.09 -1.91
C ARG B 193 13.00 -4.84 -1.25
N GLY B 194 13.89 -3.99 -0.73
CA GLY B 194 13.51 -2.70 -0.16
C GLY B 194 12.76 -1.75 -1.07
N PHE B 195 12.93 -1.91 -2.39
CA PHE B 195 12.23 -1.05 -3.36
C PHE B 195 10.94 -1.69 -3.86
N GLY B 196 10.52 -2.79 -3.24
CA GLY B 196 9.32 -3.53 -3.63
C GLY B 196 9.45 -4.36 -4.89
N LEU B 197 10.70 -4.66 -5.29
CA LEU B 197 10.97 -5.61 -6.37
C LEU B 197 10.78 -7.07 -5.91
N ALA B 198 10.06 -7.84 -6.71
CA ALA B 198 9.91 -9.29 -6.53
C ALA B 198 11.13 -9.97 -7.14
N ILE B 199 11.74 -10.89 -6.40
CA ILE B 199 13.01 -11.47 -6.84
C ILE B 199 12.78 -12.79 -7.56
N HIS B 200 13.25 -12.86 -8.80
CA HIS B 200 13.25 -14.11 -9.55
C HIS B 200 14.68 -14.42 -9.91
N TYR B 201 14.99 -15.71 -10.05
CA TYR B 201 16.36 -16.10 -10.42
C TYR B 201 16.42 -17.44 -11.16
N HIS B 202 17.44 -17.57 -12.00
CA HIS B 202 17.83 -18.88 -12.57
C HIS B 202 19.33 -19.14 -12.38
N ASN B 203 19.65 -20.22 -11.66
CA ASN B 203 21.00 -20.79 -11.59
C ASN B 203 20.95 -22.23 -12.12
N ARG B 204 22.11 -22.77 -12.47
CA ARG B 204 22.21 -24.16 -12.93
C ARG B 204 21.56 -25.08 -11.89
N THR B 205 21.89 -24.86 -10.62
CA THR B 205 21.32 -25.61 -9.50
C THR B 205 20.53 -24.69 -8.55
N ARG B 206 19.34 -25.13 -8.13
CA ARG B 206 18.52 -24.35 -7.20
C ARG B 206 19.23 -24.15 -5.85
N LEU B 207 19.17 -22.93 -5.33
CA LEU B 207 19.73 -22.61 -4.02
C LEU B 207 18.84 -23.20 -2.96
N SER B 208 19.41 -23.35 -1.76
CA SER B 208 18.63 -23.77 -0.59
C SER B 208 17.59 -22.72 -0.23
N HIS B 209 16.54 -23.16 0.47
CA HIS B 209 15.49 -22.28 0.96
C HIS B 209 16.04 -21.10 1.76
N ALA B 210 17.06 -21.35 2.58
CA ALA B 210 17.69 -20.28 3.38
C ALA B 210 18.33 -19.17 2.54
N LEU B 211 18.98 -19.55 1.44
CA LEU B 211 19.63 -18.57 0.58
C LEU B 211 18.63 -17.91 -0.38
N GLU B 212 17.56 -18.59 -0.70
CA GLU B 212 16.57 -18.02 -1.58
C GLU B 212 15.83 -16.86 -0.97
N GLU B 213 15.51 -16.94 0.31
CA GLU B 213 14.73 -15.91 0.96
C GLU B 213 13.50 -15.54 0.17
N GLY B 214 12.88 -16.51 -0.44
CA GLY B 214 11.63 -16.32 -1.10
C GLY B 214 11.70 -16.07 -2.57
N ALA B 215 12.91 -15.95 -3.09
CA ALA B 215 13.06 -15.67 -4.50
C ALA B 215 12.47 -16.75 -5.36
N ILE B 216 11.89 -16.39 -6.47
CA ILE B 216 11.24 -17.38 -7.34
C ILE B 216 12.26 -18.08 -8.26
N TYR B 217 12.34 -19.41 -8.17
CA TYR B 217 13.27 -20.17 -9.01
C TYR B 217 12.65 -20.58 -10.35
N HIS B 218 13.40 -20.32 -11.41
CA HIS B 218 13.12 -20.84 -12.74
C HIS B 218 14.16 -21.90 -13.10
N ASP B 219 13.72 -23.11 -13.40
CA ASP B 219 14.66 -24.16 -13.79
C ASP B 219 15.23 -23.98 -15.20
N THR B 220 14.66 -23.04 -15.97
CA THR B 220 15.25 -22.68 -17.25
C THR B 220 15.49 -21.16 -17.44
N LEU B 221 16.53 -20.81 -18.20
CA LEU B 221 16.79 -19.41 -18.54
C LEU B 221 15.64 -18.76 -19.27
N ASP B 222 15.10 -19.46 -20.28
CA ASP B 222 13.92 -19.00 -21.03
C ASP B 222 12.79 -18.55 -20.11
N SER B 223 12.44 -19.43 -19.16
CA SER B 223 11.45 -19.12 -18.14
C SER B 223 11.78 -17.82 -17.42
N LEU B 224 13.03 -17.69 -16.94
CA LEU B 224 13.45 -16.47 -16.24
C LEU B 224 13.32 -15.21 -17.11
N LEU B 225 13.85 -15.28 -18.32
CA LEU B 225 13.81 -14.15 -19.25
C LEU B 225 12.40 -13.62 -19.46
N GLY B 226 11.46 -14.53 -19.64
CA GLY B 226 10.06 -14.21 -19.88
C GLY B 226 9.34 -13.57 -18.71
N ALA B 227 9.94 -13.63 -17.52
CA ALA B 227 9.32 -13.08 -16.32
C ALA B 227 10.12 -11.92 -15.72
N SER B 228 11.07 -11.37 -16.47
CA SER B 228 11.94 -10.33 -15.93
C SER B 228 11.54 -8.96 -16.45
N ASP B 229 10.97 -8.12 -15.58
CA ASP B 229 10.83 -6.69 -15.92
C ASP B 229 12.17 -5.97 -15.92
N ILE B 230 13.05 -6.37 -15.01
CA ILE B 230 14.45 -5.98 -15.08
C ILE B 230 15.25 -7.27 -15.14
N PHE B 231 16.07 -7.42 -16.16
CA PHE B 231 16.90 -8.61 -16.28
C PHE B 231 18.32 -8.26 -15.96
N LEU B 232 18.85 -8.91 -14.94
CA LEU B 232 20.16 -8.57 -14.40
C LEU B 232 21.12 -9.76 -14.42
N ILE B 233 22.30 -9.53 -14.97
CA ILE B 233 23.36 -10.52 -15.07
C ILE B 233 24.35 -10.35 -13.92
N ALA B 234 24.32 -11.31 -12.99
CA ALA B 234 25.31 -11.38 -11.89
C ALA B 234 26.15 -12.67 -11.94
N ALA B 235 25.97 -13.48 -12.99
CA ALA B 235 26.67 -14.75 -13.10
C ALA B 235 28.15 -14.50 -13.37
N PRO B 236 29.04 -15.01 -12.48
CA PRO B 236 30.47 -14.81 -12.76
C PRO B 236 30.82 -15.40 -14.12
N GLY B 237 31.69 -14.72 -14.86
CA GLY B 237 32.03 -15.11 -16.23
C GLY B 237 32.63 -16.51 -16.33
N ARG B 238 32.18 -17.25 -17.34
CA ARG B 238 32.82 -18.50 -17.75
C ARG B 238 32.61 -18.65 -19.25
N PRO B 239 33.53 -19.39 -19.93
CA PRO B 239 33.55 -19.44 -21.40
C PRO B 239 32.23 -19.92 -22.02
N GLU B 240 31.60 -20.89 -21.36
CA GLU B 240 30.31 -21.45 -21.78
C GLU B 240 29.29 -20.34 -22.09
N LEU B 241 29.36 -19.26 -21.32
CA LEU B 241 28.34 -18.20 -21.34
C LEU B 241 28.64 -17.01 -22.26
N LYS B 242 29.84 -16.96 -22.85
CA LYS B 242 30.21 -15.85 -23.75
C LYS B 242 29.12 -15.63 -24.80
N GLY B 243 28.67 -14.38 -24.93
CA GLY B 243 27.60 -14.00 -25.85
C GLY B 243 26.23 -14.61 -25.62
N PHE B 244 25.94 -15.11 -24.41
CA PHE B 244 24.68 -15.83 -24.18
C PHE B 244 23.46 -14.94 -24.40
N LEU B 245 23.56 -13.66 -24.08
CA LEU B 245 22.44 -12.76 -24.21
C LEU B 245 22.39 -12.20 -25.61
N ASP B 246 21.68 -12.92 -26.49
CA ASP B 246 21.67 -12.63 -27.94
C ASP B 246 20.29 -12.17 -28.42
N HIS B 247 20.08 -12.19 -29.75
CA HIS B 247 18.82 -11.72 -30.33
C HIS B 247 17.63 -12.54 -29.84
N ASP B 248 17.73 -13.86 -29.94
CA ASP B 248 16.64 -14.76 -29.53
C ASP B 248 16.27 -14.62 -28.04
N ARG B 249 17.27 -14.50 -27.18
CA ARG B 249 17.04 -14.43 -25.75
C ARG B 249 16.44 -13.10 -25.28
N ILE B 250 16.90 -12.00 -25.89
CA ILE B 250 16.36 -10.67 -25.61
C ILE B 250 14.92 -10.57 -26.08
N ALA B 251 14.60 -11.27 -27.17
CA ALA B 251 13.26 -11.29 -27.70
C ALA B 251 12.30 -11.91 -26.68
N LYS B 252 12.81 -12.83 -25.86
CA LYS B 252 12.04 -13.46 -24.81
C LYS B 252 11.75 -12.53 -23.63
N ILE B 253 12.58 -11.50 -23.43
CA ILE B 253 12.35 -10.54 -22.33
C ILE B 253 11.11 -9.71 -22.70
N PRO B 254 10.19 -9.46 -21.73
CA PRO B 254 8.97 -8.71 -22.10
C PRO B 254 9.28 -7.31 -22.62
N GLU B 255 8.49 -6.81 -23.57
CA GLU B 255 8.64 -5.46 -24.09
C GLU B 255 8.62 -4.42 -22.94
N GLY B 256 9.54 -3.46 -23.00
CA GLY B 256 9.61 -2.38 -22.03
C GLY B 256 10.50 -2.66 -20.83
N ALA B 257 11.24 -3.77 -20.89
CA ALA B 257 12.12 -4.16 -19.79
C ALA B 257 13.46 -3.43 -19.83
N VAL B 258 14.19 -3.61 -18.75
CA VAL B 258 15.53 -3.05 -18.58
C VAL B 258 16.51 -4.22 -18.47
N VAL B 259 17.70 -4.03 -19.04
CA VAL B 259 18.80 -4.99 -18.89
C VAL B 259 19.97 -4.36 -18.13
N ILE B 260 20.51 -5.08 -17.17
CA ILE B 260 21.61 -4.60 -16.34
C ILE B 260 22.70 -5.68 -16.39
N ASN B 261 23.96 -5.25 -16.54
CA ASN B 261 25.08 -6.19 -16.44
C ASN B 261 26.19 -5.68 -15.52
N ILE B 262 26.49 -6.41 -14.46
CA ILE B 262 27.64 -6.04 -13.63
C ILE B 262 28.69 -7.13 -13.56
N SER B 263 28.54 -8.19 -14.36
CA SER B 263 29.44 -9.33 -14.28
C SER B 263 30.58 -9.25 -15.30
N ARG B 264 30.32 -9.61 -16.55
CA ARG B 264 31.35 -9.60 -17.57
C ARG B 264 30.75 -9.15 -18.87
N GLY B 265 31.45 -8.26 -19.56
CA GLY B 265 30.95 -7.67 -20.77
C GLY B 265 30.62 -8.63 -21.90
N ASP B 266 31.44 -9.66 -22.08
CA ASP B 266 31.26 -10.56 -23.22
C ASP B 266 30.09 -11.53 -23.05
N LEU B 267 29.38 -11.44 -21.93
CA LEU B 267 28.13 -12.21 -21.77
C LEU B 267 27.03 -11.65 -22.67
N ILE B 268 27.16 -10.39 -23.08
CA ILE B 268 26.11 -9.78 -23.90
C ILE B 268 26.58 -9.61 -25.33
N ASN B 269 25.74 -10.05 -26.26
CA ASN B 269 25.91 -9.72 -27.66
C ASN B 269 25.55 -8.24 -27.83
N ASP B 270 26.55 -7.40 -28.11
CA ASP B 270 26.34 -5.95 -28.22
C ASP B 270 25.38 -5.57 -29.35
N ASP B 271 25.52 -6.22 -30.50
CA ASP B 271 24.60 -6.03 -31.61
C ASP B 271 23.14 -6.24 -31.18
N ALA B 272 22.87 -7.35 -30.50
CA ALA B 272 21.53 -7.65 -30.02
C ALA B 272 20.98 -6.56 -29.07
N LEU B 273 21.78 -6.19 -28.07
CA LEU B 273 21.33 -5.26 -27.04
C LEU B 273 21.11 -3.85 -27.59
N ILE B 274 22.07 -3.37 -28.38
CA ILE B 274 21.94 -2.07 -29.02
C ILE B 274 20.71 -2.00 -29.92
N GLU B 275 20.48 -3.04 -30.72
CA GLU B 275 19.32 -3.09 -31.59
C GLU B 275 18.01 -3.03 -30.78
N ALA B 276 17.95 -3.78 -29.69
CA ALA B 276 16.72 -3.84 -28.89
C ALA B 276 16.52 -2.56 -28.10
N LEU B 277 17.62 -1.86 -27.81
CA LEU B 277 17.55 -0.57 -27.15
C LEU B 277 17.06 0.50 -28.13
N ARG B 278 17.49 0.39 -29.38
CA ARG B 278 17.09 1.35 -30.42
C ARG B 278 15.64 1.15 -30.86
N SER B 279 15.25 -0.12 -30.98
CA SER B 279 13.91 -0.53 -31.37
C SER B 279 12.92 -0.31 -30.24
N LYS B 280 13.46 -0.03 -29.05
CA LYS B 280 12.66 0.16 -27.85
C LYS B 280 11.92 -1.11 -27.41
N HIS B 281 12.33 -2.26 -27.93
CA HIS B 281 11.89 -3.52 -27.30
C HIS B 281 12.31 -3.49 -25.83
N LEU B 282 13.50 -2.95 -25.60
CA LEU B 282 13.95 -2.64 -24.24
C LEU B 282 13.81 -1.15 -23.97
N PHE B 283 13.24 -0.83 -22.80
CA PHE B 283 13.13 0.56 -22.33
C PHE B 283 14.52 1.19 -22.13
N ALA B 284 15.42 0.47 -21.47
CA ALA B 284 16.72 1.01 -21.06
C ALA B 284 17.71 -0.08 -20.62
N ALA B 285 18.98 0.28 -20.51
CA ALA B 285 20.00 -0.60 -19.94
C ALA B 285 20.92 0.14 -18.99
N GLY B 286 21.60 -0.61 -18.12
CA GLY B 286 22.64 -0.08 -17.24
C GLY B 286 23.80 -1.06 -17.36
N LEU B 287 24.95 -0.55 -17.77
CA LEU B 287 26.13 -1.42 -17.97
C LEU B 287 27.34 -0.93 -17.19
N ASP B 288 27.88 -1.78 -16.33
CA ASP B 288 29.16 -1.51 -15.67
C ASP B 288 30.33 -2.19 -16.39
N VAL B 289 30.03 -3.10 -17.30
CA VAL B 289 31.04 -3.93 -17.95
C VAL B 289 30.67 -4.04 -19.41
N PHE B 290 31.66 -4.30 -20.26
CA PHE B 290 31.49 -4.20 -21.71
C PHE B 290 32.43 -5.14 -22.46
N ALA B 291 31.93 -5.74 -23.53
CA ALA B 291 32.76 -6.60 -24.36
C ALA B 291 33.92 -5.75 -24.88
N ASN B 292 35.14 -6.29 -24.79
CA ASN B 292 36.38 -5.65 -25.28
C ASN B 292 36.75 -4.37 -24.53
N GLU B 293 36.18 -4.16 -23.34
CA GLU B 293 36.54 -2.98 -22.55
C GLU B 293 38.05 -2.88 -22.39
N PRO B 294 38.62 -1.66 -22.48
CA PRO B 294 37.95 -0.35 -22.54
C PRO B 294 37.50 0.07 -23.93
N ALA B 295 37.82 -0.72 -24.96
CA ALA B 295 37.41 -0.41 -26.33
C ALA B 295 35.97 -0.91 -26.58
N ILE B 296 35.03 -0.27 -25.87
CA ILE B 296 33.61 -0.62 -25.93
C ILE B 296 33.02 -0.27 -27.30
N ASP B 297 31.88 -0.87 -27.60
CA ASP B 297 31.18 -0.60 -28.86
C ASP B 297 30.84 0.90 -28.86
N PRO B 298 31.32 1.63 -29.86
CA PRO B 298 31.14 3.09 -29.89
C PRO B 298 29.65 3.54 -29.86
N ARG B 299 28.75 2.72 -30.37
CA ARG B 299 27.32 3.08 -30.42
C ARG B 299 26.70 3.29 -29.02
N TYR B 300 27.27 2.65 -28.01
CA TYR B 300 26.69 2.72 -26.66
C TYR B 300 26.63 4.17 -26.18
N ARG B 301 27.61 4.96 -26.61
CA ARG B 301 27.79 6.33 -26.15
C ARG B 301 26.72 7.30 -26.61
N SER B 302 26.06 6.99 -27.74
CA SER B 302 25.01 7.86 -28.26
C SER B 302 23.58 7.41 -27.92
N LEU B 303 23.43 6.43 -27.04
CA LEU B 303 22.10 5.99 -26.65
C LEU B 303 21.62 6.82 -25.44
N ASP B 304 20.45 7.44 -25.57
CA ASP B 304 19.86 8.18 -24.44
C ASP B 304 19.29 7.25 -23.36
N ASN B 305 18.99 6.01 -23.74
CA ASN B 305 18.39 5.03 -22.80
C ASN B 305 19.40 4.02 -22.27
N ILE B 306 20.58 4.53 -21.96
CA ILE B 306 21.59 3.76 -21.28
C ILE B 306 22.30 4.61 -20.22
N PHE B 307 22.67 3.94 -19.13
CA PHE B 307 23.61 4.52 -18.16
C PHE B 307 24.87 3.66 -18.15
N LEU B 308 26.02 4.34 -18.23
CA LEU B 308 27.32 3.69 -18.38
C LEU B 308 28.21 3.94 -17.17
N THR B 309 28.82 2.88 -16.62
CA THR B 309 29.78 3.03 -15.52
C THR B 309 31.08 2.27 -15.90
N PRO B 310 32.25 2.84 -15.59
CA PRO B 310 33.49 2.23 -16.10
C PRO B 310 34.05 1.12 -15.18
N HIS B 311 33.30 0.03 -15.06
CA HIS B 311 33.73 -1.15 -14.30
C HIS B 311 34.13 -0.75 -12.89
N ILE B 312 33.25 -0.02 -12.21
CA ILE B 312 33.52 0.46 -10.85
C ILE B 312 32.76 -0.34 -9.78
N GLY B 313 32.28 -1.53 -10.14
CA GLY B 313 31.55 -2.42 -9.24
C GLY B 313 32.16 -2.41 -7.85
N SER B 314 33.45 -2.78 -7.77
CA SER B 314 34.11 -2.91 -6.45
C SER B 314 34.83 -1.63 -5.96
N ALA B 315 34.62 -0.51 -6.65
CA ALA B 315 35.36 0.73 -6.39
C ALA B 315 34.90 1.58 -5.18
N THR B 316 35.10 1.04 -3.99
CA THR B 316 35.07 1.89 -2.81
C THR B 316 36.43 1.78 -2.12
N HIS B 317 36.79 2.82 -1.36
CA HIS B 317 38.00 2.79 -0.55
C HIS B 317 38.04 1.56 0.36
N GLU B 318 36.94 1.27 1.04
CA GLU B 318 36.93 0.16 1.97
C GLU B 318 37.12 -1.21 1.32
N THR B 319 36.48 -1.41 0.17
CA THR B 319 36.60 -2.67 -0.57
C THR B 319 37.98 -2.89 -1.19
N ARG B 320 38.50 -1.90 -1.91
CA ARG B 320 39.80 -2.01 -2.49
C ARG B 320 40.91 -2.14 -1.46
N ASP B 321 40.81 -1.38 -0.36
CA ASP B 321 41.71 -1.56 0.80
C ASP B 321 41.62 -2.96 1.42
N ALA B 322 40.40 -3.44 1.64
CA ALA B 322 40.22 -4.78 2.21
C ALA B 322 40.81 -5.86 1.30
N GLY B 324 43.33 -5.47 -0.75
CA GLY B 324 44.78 -5.33 -0.63
C GLY B 324 45.33 -5.97 0.63
N TRP B 325 44.65 -5.73 1.76
CA TRP B 325 45.03 -6.30 3.04
C TRP B 325 44.97 -7.83 3.09
N LEU B 326 44.10 -8.44 2.30
CA LEU B 326 44.03 -9.87 2.18
C LEU B 326 45.27 -10.44 1.54
N LEU B 327 45.78 -9.75 0.54
CA LEU B 327 47.01 -10.20 -0.11
C LEU B 327 48.18 -10.09 0.83
N ILE B 328 48.28 -8.93 1.48
CA ILE B 328 49.34 -8.65 2.45
C ILE B 328 49.31 -9.66 3.60
N GLN B 329 48.15 -9.85 4.23
CA GLN B 329 48.02 -10.79 5.33
C GLN B 329 48.31 -12.23 4.91
N GLY B 330 47.86 -12.62 3.71
CA GLY B 330 48.14 -13.96 3.18
C GLY B 330 49.63 -14.23 2.98
N ILE B 331 50.36 -13.22 2.51
CA ILE B 331 51.82 -13.32 2.36
C ILE B 331 52.48 -13.42 3.74
N GLU B 332 52.06 -12.57 4.67
CA GLU B 332 52.49 -12.66 6.07
C GLU B 332 52.39 -14.10 6.59
N ALA B 333 51.24 -14.73 6.33
CA ALA B 333 51.00 -16.08 6.80
C ALA B 333 51.92 -17.11 6.15
N LEU B 334 52.11 -16.99 4.83
CA LEU B 334 53.10 -17.83 4.12
C LEU B 334 54.52 -17.64 4.68
N ASN B 335 54.86 -16.39 5.01
CA ASN B 335 56.14 -16.09 5.66
C ASN B 335 56.32 -16.75 7.04
N GLN B 336 55.20 -17.02 7.71
CA GLN B 336 55.19 -17.68 9.02
C GLN B 336 55.04 -19.20 8.90
N SER B 337 55.07 -19.71 7.67
CA SER B 337 54.81 -21.13 7.37
C SER B 337 53.41 -21.56 7.83
N ASP B 338 52.46 -20.65 7.68
CA ASP B 338 51.07 -20.93 7.99
C ASP B 338 50.25 -20.96 6.71
N VAL B 339 49.06 -21.52 6.79
CA VAL B 339 48.21 -21.71 5.61
C VAL B 339 47.07 -20.68 5.61
N PRO B 340 47.19 -19.74 4.70
CA PRO B 340 46.27 -18.63 4.51
C PRO B 340 44.95 -19.10 3.99
N ASP B 341 43.91 -18.45 4.42
CA ASP B 341 42.56 -18.73 3.99
C ASP B 341 42.47 -18.56 2.48
N ASN B 342 43.10 -17.49 2.00
CA ASN B 342 42.99 -17.16 0.59
C ASN B 342 43.98 -17.79 -0.36
N LEU B 343 44.47 -18.97 -0.03
CA LEU B 343 45.38 -19.73 -0.88
C LEU B 343 44.64 -20.65 -1.87
N ILE B 344 44.97 -20.57 -3.16
CA ILE B 344 44.33 -21.42 -4.17
C ILE B 344 45.24 -22.56 -4.57
N PRO C 27 -54.69 21.91 -13.13
CA PRO C 27 -53.76 23.04 -13.14
C PRO C 27 -52.46 22.74 -12.38
N ILE C 28 -51.35 23.33 -12.84
CA ILE C 28 -50.00 23.08 -12.33
C ILE C 28 -49.74 23.78 -10.98
N GLN C 29 -49.53 22.99 -9.93
CA GLN C 29 -49.34 23.55 -8.59
C GLN C 29 -47.93 24.12 -8.39
N LYS C 30 -47.84 25.24 -7.68
CA LYS C 30 -46.55 25.79 -7.24
C LYS C 30 -46.03 24.94 -6.11
N ALA C 31 -44.75 24.58 -6.17
CA ALA C 31 -44.12 23.81 -5.08
C ALA C 31 -42.78 24.40 -4.71
N PHE C 32 -42.39 24.20 -3.46
CA PHE C 32 -41.09 24.59 -2.99
C PHE C 32 -40.35 23.36 -2.43
N LEU C 33 -39.10 23.22 -2.82
CA LEU C 33 -38.28 22.07 -2.41
C LEU C 33 -37.15 22.52 -1.49
N CYS C 34 -37.21 22.11 -0.23
CA CYS C 34 -36.33 22.64 0.81
C CYS C 34 -34.91 22.05 0.85
N ARG C 35 -34.75 20.84 0.30
CA ARG C 35 -33.45 20.11 0.28
C ARG C 35 -33.32 19.50 -1.12
N ARG C 36 -32.11 19.36 -1.64
CA ARG C 36 -31.96 18.74 -2.96
C ARG C 36 -32.27 17.24 -2.88
N PHE C 37 -33.09 16.75 -3.79
CA PHE C 37 -33.43 15.34 -3.83
C PHE C 37 -32.61 14.71 -4.97
N THR C 38 -32.78 13.40 -5.16
CA THR C 38 -32.03 12.68 -6.21
C THR C 38 -32.37 13.32 -7.54
N PRO C 39 -31.41 13.35 -8.50
CA PRO C 39 -31.70 14.04 -9.75
C PRO C 39 -32.90 13.49 -10.53
N ALA C 40 -33.16 12.19 -10.41
CA ALA C 40 -34.31 11.59 -11.14
C ALA C 40 -35.61 12.13 -10.58
N ILE C 41 -35.69 12.21 -9.25
CA ILE C 41 -36.88 12.75 -8.59
C ILE C 41 -37.02 14.25 -8.87
N GLU C 42 -35.91 14.99 -8.78
CA GLU C 42 -35.97 16.41 -9.13
C GLU C 42 -36.46 16.67 -10.55
N ALA C 43 -36.03 15.86 -11.51
CA ALA C 43 -36.48 16.02 -12.90
C ALA C 43 -37.99 15.82 -13.00
N GLU C 44 -38.52 14.87 -12.21
CA GLU C 44 -39.98 14.65 -12.20
C GLU C 44 -40.71 15.83 -11.54
N LEU C 45 -40.20 16.29 -10.41
CA LEU C 45 -40.83 17.41 -9.74
C LEU C 45 -40.86 18.68 -10.62
N ARG C 46 -39.81 18.91 -11.41
CA ARG C 46 -39.74 20.07 -12.28
C ARG C 46 -40.82 20.03 -13.36
N GLN C 47 -41.18 18.82 -13.80
CA GLN C 47 -42.26 18.71 -14.79
C GLN C 47 -43.63 18.70 -14.13
N ARG C 48 -43.70 18.19 -12.91
CA ARG C 48 -44.99 17.98 -12.27
C ARG C 48 -45.54 19.20 -11.54
N PHE C 49 -44.67 20.17 -11.25
CA PHE C 49 -45.02 21.34 -10.44
C PHE C 49 -44.33 22.54 -11.03
N ASP C 50 -44.83 23.73 -10.69
CA ASP C 50 -44.11 24.98 -10.88
C ASP C 50 -43.12 25.06 -9.70
N LEU C 51 -41.93 24.52 -9.91
CA LEU C 51 -41.03 24.22 -8.79
C LEU C 51 -39.97 25.28 -8.54
N GLU C 52 -39.85 25.69 -7.27
CA GLU C 52 -38.76 26.54 -6.83
C GLU C 52 -37.91 25.68 -5.91
N VAL C 53 -36.60 25.74 -6.09
CA VAL C 53 -35.69 24.87 -5.34
C VAL C 53 -34.71 25.64 -4.44
N ASN C 54 -34.52 25.15 -3.21
CA ASN C 54 -33.42 25.60 -2.36
C ASN C 54 -32.09 25.08 -2.92
N LEU C 55 -31.52 25.85 -3.85
CA LEU C 55 -30.45 25.34 -4.70
C LEU C 55 -29.21 24.90 -3.93
N GLU C 56 -28.83 25.64 -2.88
CA GLU C 56 -27.56 25.35 -2.20
C GLU C 56 -27.69 24.30 -1.11
N ASP C 57 -28.88 23.73 -0.98
CA ASP C 57 -29.13 22.59 -0.10
C ASP C 57 -28.90 22.88 1.38
N THR C 58 -29.04 24.14 1.75
CA THR C 58 -28.88 24.53 3.16
C THR C 58 -30.08 24.07 3.97
N VAL C 59 -29.91 24.00 5.28
CA VAL C 59 -31.01 23.70 6.16
C VAL C 59 -31.64 25.05 6.52
N LEU C 60 -32.80 25.31 5.94
CA LEU C 60 -33.49 26.60 6.16
C LEU C 60 -34.08 26.63 7.56
N THR C 61 -34.04 27.81 8.19
CA THR C 61 -34.72 28.04 9.47
C THR C 61 -36.21 28.17 9.19
N PRO C 62 -37.04 28.04 10.25
CA PRO C 62 -38.49 28.24 10.05
C PRO C 62 -38.80 29.60 9.44
N SER C 63 -38.10 30.65 9.87
CA SER C 63 -38.25 31.95 9.22
C SER C 63 -37.87 31.87 7.73
N GLY C 64 -36.79 31.15 7.43
CA GLY C 64 -36.30 31.00 6.07
C GLY C 64 -37.29 30.29 5.18
N ILE C 65 -37.87 29.22 5.69
CA ILE C 65 -38.86 28.45 4.96
C ILE C 65 -40.10 29.29 4.65
N ALA C 66 -40.62 29.98 5.66
CA ALA C 66 -41.81 30.81 5.50
C ALA C 66 -41.57 31.89 4.45
N SER C 67 -40.37 32.48 4.49
CA SER C 67 -39.97 33.51 3.54
C SER C 67 -39.82 32.96 2.11
N ARG C 68 -38.96 31.96 1.93
CA ARG C 68 -38.68 31.39 0.59
C ARG C 68 -39.88 30.72 -0.10
N ALA C 69 -40.71 30.06 0.69
CA ALA C 69 -41.78 29.23 0.14
C ALA C 69 -43.13 29.93 -0.02
N HIS C 70 -43.21 31.20 0.39
CA HIS C 70 -44.46 31.95 0.25
C HIS C 70 -45.07 31.78 -1.16
N GLY C 71 -46.33 31.38 -1.20
CA GLY C 71 -47.04 31.16 -2.45
C GLY C 71 -47.10 29.71 -2.95
N ALA C 72 -46.28 28.84 -2.37
CA ALA C 72 -46.26 27.44 -2.74
C ALA C 72 -47.52 26.77 -2.19
N GLU C 73 -48.11 25.89 -3.01
CA GLU C 73 -49.22 25.04 -2.57
C GLU C 73 -48.69 23.72 -1.96
N VAL C 74 -47.58 23.23 -2.51
CA VAL C 74 -46.94 22.02 -2.02
C VAL C 74 -45.55 22.31 -1.45
N LEU C 75 -45.34 21.89 -0.21
CA LEU C 75 -44.03 22.06 0.40
C LEU C 75 -43.35 20.68 0.54
N PHE C 76 -42.25 20.52 -0.19
CA PHE C 76 -41.39 19.32 -0.11
C PHE C 76 -40.28 19.54 0.94
N VAL C 77 -40.31 18.71 1.95
CA VAL C 77 -39.44 18.83 3.15
C VAL C 77 -38.80 17.47 3.49
N THR C 78 -37.93 17.48 4.49
CA THR C 78 -37.32 16.32 5.06
C THR C 78 -37.30 16.53 6.56
N ALA C 79 -36.66 15.58 7.23
CA ALA C 79 -36.52 15.65 8.69
C ALA C 79 -35.71 16.86 9.19
N THR C 80 -34.91 17.48 8.32
CA THR C 80 -34.12 18.64 8.75
C THR C 80 -34.92 19.97 8.82
N GLU C 81 -36.10 20.01 8.22
CA GLU C 81 -36.94 21.23 8.20
C GLU C 81 -37.91 21.26 9.36
N ALA C 82 -37.84 22.32 10.19
CA ALA C 82 -38.76 22.51 11.30
C ALA C 82 -40.04 23.22 10.85
N ILE C 83 -41.06 22.42 10.51
CA ILE C 83 -42.31 23.01 10.00
C ILE C 83 -43.22 23.24 11.19
N THR C 84 -43.00 24.39 11.80
CA THR C 84 -43.68 24.80 13.02
C THR C 84 -45.06 25.35 12.70
N ALA C 85 -45.86 25.51 13.74
CA ALA C 85 -47.17 26.13 13.59
C ALA C 85 -47.05 27.49 12.87
N GLU C 86 -46.03 28.27 13.21
CA GLU C 86 -45.80 29.59 12.59
C GLU C 86 -45.52 29.50 11.09
N VAL C 87 -44.68 28.55 10.69
CA VAL C 87 -44.45 28.27 9.27
C VAL C 87 -45.78 27.95 8.56
N ILE C 88 -46.56 27.02 9.10
CA ILE C 88 -47.80 26.62 8.44
C ILE C 88 -48.81 27.79 8.25
N ARG C 89 -48.96 28.61 9.30
CA ARG C 89 -49.83 29.80 9.22
C ARG C 89 -49.32 30.86 8.25
N LYS C 90 -48.02 31.13 8.26
CA LYS C 90 -47.49 32.22 7.45
C LYS C 90 -47.61 31.86 5.98
N LEU C 91 -47.59 30.57 5.71
CA LEU C 91 -47.72 30.09 4.34
C LEU C 91 -49.17 30.01 3.85
N GLN C 92 -50.14 30.45 4.66
CA GLN C 92 -51.55 30.50 4.24
C GLN C 92 -51.82 31.76 3.42
N PRO C 93 -52.76 31.71 2.45
CA PRO C 93 -53.70 30.65 2.06
C PRO C 93 -53.12 29.64 1.05
N GLY C 94 -51.94 29.92 0.54
CA GLY C 94 -51.29 29.08 -0.46
C GLY C 94 -51.09 27.61 -0.11
N LEU C 95 -50.55 27.34 1.09
CA LEU C 95 -50.06 26.00 1.43
C LEU C 95 -51.19 25.01 1.67
N LYS C 96 -51.23 23.93 0.91
CA LYS C 96 -52.28 22.90 1.09
C LYS C 96 -51.70 21.54 1.46
N THR C 97 -50.46 21.30 1.08
CA THR C 97 -49.85 19.98 1.19
C THR C 97 -48.40 20.06 1.68
N ILE C 98 -48.11 19.29 2.73
CA ILE C 98 -46.71 19.08 3.17
C ILE C 98 -46.27 17.66 2.87
N ALA C 99 -45.20 17.55 2.08
CA ALA C 99 -44.72 16.21 1.68
C ALA C 99 -43.30 15.98 2.21
N THR C 100 -43.18 15.08 3.18
CA THR C 100 -41.90 14.84 3.88
C THR C 100 -41.19 13.57 3.40
N LEU C 101 -39.95 13.71 3.00
CA LEU C 101 -39.15 12.56 2.56
C LEU C 101 -38.52 11.86 3.77
N SER C 102 -39.38 11.18 4.55
CA SER C 102 -38.99 10.62 5.82
C SER C 102 -40.16 9.78 6.28
N VAL C 103 -39.88 8.76 7.08
CA VAL C 103 -40.95 7.99 7.74
C VAL C 103 -41.50 8.79 8.92
N GLY C 104 -40.60 9.44 9.67
CA GLY C 104 -40.99 10.29 10.79
C GLY C 104 -41.60 11.64 10.36
N TYR C 105 -42.33 12.26 11.27
CA TYR C 105 -43.01 13.52 10.98
C TYR C 105 -43.14 14.39 12.21
N ASP C 106 -42.34 14.09 13.23
CA ASP C 106 -42.38 14.91 14.44
C ASP C 106 -41.77 16.28 14.22
N HIS C 107 -41.06 16.48 13.10
CA HIS C 107 -40.60 17.82 12.72
C HIS C 107 -41.72 18.75 12.17
N ILE C 108 -42.89 18.18 11.95
CA ILE C 108 -44.05 18.95 11.47
C ILE C 108 -45.03 19.09 12.61
N ASP C 109 -45.51 20.31 12.86
CA ASP C 109 -46.55 20.54 13.85
C ASP C 109 -47.89 20.00 13.35
N ALA C 111 -50.65 19.08 14.90
CA ALA C 111 -51.82 19.79 15.48
C ALA C 111 -52.22 21.01 14.65
N ALA C 112 -51.23 21.83 14.29
CA ALA C 112 -51.47 22.97 13.41
C ALA C 112 -51.94 22.52 12.03
N ALA C 113 -51.26 21.53 11.46
CA ALA C 113 -51.61 21.08 10.11
C ALA C 113 -53.04 20.61 10.10
N ARG C 114 -53.41 19.77 11.05
CA ARG C 114 -54.76 19.24 10.95
C ARG C 114 -55.82 20.29 11.31
N SER C 115 -55.49 21.24 12.17
CA SER C 115 -56.43 22.33 12.47
C SER C 115 -56.81 23.15 11.23
N LEU C 116 -55.91 23.19 10.24
CA LEU C 116 -56.12 23.93 9.00
C LEU C 116 -56.40 23.06 7.75
N GLY C 117 -56.62 21.77 7.97
CA GLY C 117 -56.91 20.83 6.87
C GLY C 117 -55.74 20.58 5.93
N ILE C 118 -54.52 20.84 6.41
CA ILE C 118 -53.31 20.62 5.57
C ILE C 118 -53.11 19.12 5.38
N LYS C 119 -52.88 18.69 4.15
CA LYS C 119 -52.59 17.29 3.89
C LYS C 119 -51.12 17.01 4.11
N VAL C 120 -50.83 15.98 4.90
CA VAL C 120 -49.41 15.64 5.20
C VAL C 120 -49.08 14.22 4.70
N LEU C 121 -48.06 14.15 3.84
CA LEU C 121 -47.60 12.87 3.28
C LEU C 121 -46.21 12.51 3.81
N HIS C 122 -45.95 11.21 4.01
CA HIS C 122 -44.63 10.74 4.45
C HIS C 122 -44.25 9.47 3.66
N THR C 123 -43.21 8.75 4.08
CA THR C 123 -42.73 7.62 3.28
C THR C 123 -42.71 6.34 4.11
N PRO C 124 -43.90 5.77 4.38
CA PRO C 124 -43.91 4.54 5.20
C PRO C 124 -43.45 3.27 4.46
N ASP C 125 -42.96 2.30 5.21
CA ASP C 125 -42.78 0.92 4.72
C ASP C 125 -41.88 0.76 3.51
N VAL C 126 -40.89 1.64 3.34
CA VAL C 126 -39.94 1.49 2.22
C VAL C 126 -38.47 1.57 2.63
N LEU C 127 -38.19 2.03 3.85
CA LEU C 127 -36.78 2.16 4.25
C LEU C 127 -36.24 1.20 5.29
N SER C 128 -37.09 0.31 5.81
CA SER C 128 -36.61 -0.57 6.89
C SER C 128 -35.49 -1.52 6.47
N ASP C 129 -35.53 -2.04 5.25
CA ASP C 129 -34.42 -2.92 4.75
C ASP C 129 -33.07 -2.18 4.70
N ALA C 130 -33.07 -1.01 4.04
CA ALA C 130 -31.84 -0.21 3.98
C ALA C 130 -31.32 0.14 5.40
N CYS C 131 -32.20 0.61 6.29
CA CYS C 131 -31.81 0.97 7.66
C CYS C 131 -31.23 -0.21 8.43
N ALA C 132 -31.85 -1.38 8.26
CA ALA C 132 -31.39 -2.60 8.91
C ALA C 132 -30.01 -3.01 8.42
N GLU C 133 -29.75 -2.79 7.13
CA GLU C 133 -28.39 -2.99 6.57
C GLU C 133 -27.34 -2.17 7.30
N ILE C 134 -27.63 -0.88 7.54
CA ILE C 134 -26.68 -0.01 8.26
C ILE C 134 -26.53 -0.45 9.69
N ALA C 135 -27.64 -0.83 10.33
CA ALA C 135 -27.56 -1.37 11.68
C ALA C 135 -26.58 -2.54 11.75
N LEU C 137 -24.27 -3.33 9.49
CA LEU C 137 -22.92 -2.87 9.19
C LEU C 137 -22.21 -2.37 10.47
N LEU C 138 -22.94 -1.60 11.27
CA LEU C 138 -22.38 -1.06 12.49
C LEU C 138 -22.13 -2.17 13.49
N VAL C 139 -23.06 -3.12 13.61
CA VAL C 139 -22.84 -4.23 14.54
C VAL C 139 -21.53 -4.98 14.16
N LEU C 140 -21.40 -5.28 12.89
CA LEU C 140 -20.24 -6.05 12.41
C LEU C 140 -18.95 -5.24 12.54
N ASN C 141 -19.00 -3.95 12.20
CA ASN C 141 -17.80 -3.10 12.25
C ASN C 141 -17.32 -2.89 13.69
N ALA C 142 -18.26 -2.78 14.61
CA ALA C 142 -17.92 -2.65 16.05
C ALA C 142 -17.37 -3.95 16.62
N CYS C 143 -18.07 -5.06 16.39
CA CYS C 143 -17.67 -6.35 16.96
C CYS C 143 -16.35 -6.88 16.39
N ARG C 144 -16.10 -6.60 15.11
CA ARG C 144 -14.96 -7.20 14.43
C ARG C 144 -13.90 -6.16 14.06
N ARG C 145 -14.07 -4.94 14.55
CA ARG C 145 -13.02 -3.88 14.51
C ARG C 145 -12.73 -3.35 13.12
N GLY C 146 -13.81 -3.07 12.39
CA GLY C 146 -13.70 -2.59 11.00
C GLY C 146 -12.90 -1.33 10.77
N TYR C 147 -13.09 -0.30 11.62
CA TYR C 147 -12.27 0.92 11.53
C TYR C 147 -10.76 0.61 11.64
N GLU C 148 -10.33 -0.03 12.73
CA GLU C 148 -8.91 -0.42 12.87
C GLU C 148 -8.43 -1.30 11.74
N ALA C 149 -9.30 -2.19 11.30
CA ALA C 149 -8.98 -3.12 10.22
C ALA C 149 -8.67 -2.38 8.91
N ASP C 150 -9.60 -1.54 8.45
CA ASP C 150 -9.40 -0.83 7.19
C ASP C 150 -8.27 0.16 7.34
N ARG C 151 -8.21 0.86 8.48
CA ARG C 151 -7.09 1.76 8.73
C ARG C 151 -5.74 1.04 8.63
N VAL C 153 -4.87 -1.70 6.93
CA VAL C 153 -4.47 -2.10 5.56
C VAL C 153 -3.98 -0.88 4.82
N ARG C 154 -4.70 0.23 4.96
CA ARG C 154 -4.32 1.45 4.22
C ARG C 154 -3.10 2.17 4.79
N SER C 155 -2.69 1.78 5.99
CA SER C 155 -1.60 2.49 6.69
C SER C 155 -0.25 2.28 6.00
N GLY C 156 -0.08 1.10 5.39
CA GLY C 156 1.20 0.72 4.78
C GLY C 156 2.12 0.10 5.82
N SER C 157 1.58 -0.14 7.01
CA SER C 157 2.35 -0.73 8.12
C SER C 157 1.75 -2.04 8.63
N TRP C 158 0.73 -2.56 7.94
CA TRP C 158 0.18 -3.88 8.33
C TRP C 158 1.29 -4.92 8.39
N PRO C 159 1.54 -5.52 9.58
CA PRO C 159 2.67 -6.44 9.63
C PRO C 159 2.42 -7.84 9.02
N GLY C 160 1.18 -8.09 8.59
CA GLY C 160 0.77 -9.39 8.04
C GLY C 160 -0.04 -10.15 9.07
N TRP C 161 -0.65 -11.25 8.65
CA TRP C 161 -1.40 -12.14 9.53
C TRP C 161 -0.71 -12.46 10.89
N GLY C 162 -1.50 -12.45 11.96
CA GLY C 162 -0.99 -12.84 13.27
C GLY C 162 -2.13 -13.44 14.04
N PRO C 163 -1.86 -14.42 14.93
CA PRO C 163 -2.95 -15.08 15.68
C PRO C 163 -3.72 -14.19 16.63
N THR C 164 -3.13 -13.04 17.01
CA THR C 164 -3.77 -12.13 17.95
C THR C 164 -4.03 -10.77 17.30
N GLN C 165 -4.00 -10.71 15.97
CA GLN C 165 -4.18 -9.44 15.27
C GLN C 165 -5.66 -9.05 15.18
N LEU C 166 -6.02 -7.90 15.76
CA LEU C 166 -7.40 -7.40 15.77
C LEU C 166 -8.48 -8.44 16.09
N LEU C 167 -8.31 -9.14 17.21
CA LEU C 167 -9.31 -10.08 17.68
C LEU C 167 -10.58 -9.35 18.10
N GLY C 168 -11.72 -9.80 17.56
CA GLY C 168 -13.01 -9.24 17.89
C GLY C 168 -13.91 -10.22 18.64
N GLY C 170 -17.10 -12.59 18.41
CA GLY C 170 -17.99 -13.33 17.52
C GLY C 170 -19.44 -13.09 17.92
N LEU C 171 -20.35 -13.14 16.95
CA LEU C 171 -21.77 -12.82 17.21
C LEU C 171 -22.51 -14.09 17.66
N THR C 172 -22.01 -15.25 17.26
CA THR C 172 -22.69 -16.49 17.54
C THR C 172 -22.79 -16.65 19.02
N GLY C 173 -24.01 -16.89 19.51
CA GLY C 173 -24.26 -17.15 20.91
C GLY C 173 -24.46 -15.94 21.81
N ARG C 174 -24.24 -14.75 21.27
CA ARG C 174 -24.38 -13.50 22.04
C ARG C 174 -25.79 -12.96 21.92
N ARG C 175 -26.13 -12.00 22.78
CA ARG C 175 -27.48 -11.47 22.86
C ARG C 175 -27.52 -10.05 22.30
N LEU C 176 -28.37 -9.86 21.30
CA LEU C 176 -28.61 -8.54 20.72
C LEU C 176 -29.88 -8.00 21.38
N GLY C 177 -29.72 -6.93 22.15
CA GLY C 177 -30.84 -6.34 22.88
C GLY C 177 -31.29 -5.09 22.17
N ILE C 178 -32.55 -5.07 21.73
CA ILE C 178 -33.06 -3.96 20.91
C ILE C 178 -34.07 -3.13 21.70
N PHE C 179 -33.72 -1.88 21.92
CA PHE C 179 -34.64 -0.98 22.59
C PHE C 179 -35.48 -0.29 21.53
N GLY C 180 -36.79 -0.53 21.57
CA GLY C 180 -37.71 -0.01 20.56
C GLY C 180 -37.65 -0.88 19.31
N GLY C 182 -39.37 -1.77 16.68
CA GLY C 182 -40.49 -1.44 15.81
C GLY C 182 -40.24 -2.09 14.46
N ARG C 183 -40.79 -1.51 13.40
CA ARG C 183 -40.58 -2.06 12.08
C ARG C 183 -39.08 -2.14 11.70
N ILE C 184 -38.33 -1.07 11.99
CA ILE C 184 -36.90 -1.07 11.68
C ILE C 184 -36.18 -2.08 12.57
N GLY C 185 -36.49 -2.05 13.87
CA GLY C 185 -35.95 -3.03 14.82
C GLY C 185 -36.19 -4.49 14.43
N ARG C 186 -37.41 -4.78 13.98
CA ARG C 186 -37.72 -6.14 13.54
C ARG C 186 -36.98 -6.57 12.28
N ALA C 187 -36.73 -5.63 11.36
CA ALA C 187 -35.88 -5.92 10.19
C ALA C 187 -34.44 -6.24 10.63
N ILE C 188 -33.98 -5.54 11.66
CA ILE C 188 -32.67 -5.78 12.23
C ILE C 188 -32.61 -7.18 12.83
N ALA C 189 -33.61 -7.53 13.62
CA ALA C 189 -33.66 -8.86 14.24
C ALA C 189 -33.64 -10.00 13.23
N THR C 190 -34.41 -9.86 12.16
CA THR C 190 -34.40 -10.85 11.09
C THR C 190 -32.99 -11.10 10.54
N ARG C 191 -32.28 -10.03 10.24
CA ARG C 191 -30.91 -10.16 9.77
C ARG C 191 -29.96 -10.71 10.84
N ALA C 192 -30.16 -10.29 12.10
CA ALA C 192 -29.29 -10.67 13.20
C ALA C 192 -29.37 -12.16 13.55
N ARG C 193 -30.57 -12.73 13.48
CA ARG C 193 -30.75 -14.17 13.80
C ARG C 193 -29.85 -15.08 12.97
N GLY C 194 -29.62 -14.71 11.71
CA GLY C 194 -28.76 -15.45 10.80
C GLY C 194 -27.32 -15.58 11.30
N PHE C 195 -26.91 -14.66 12.17
CA PHE C 195 -25.57 -14.68 12.74
C PHE C 195 -25.51 -15.44 14.06
N GLY C 196 -26.61 -16.05 14.47
CA GLY C 196 -26.67 -16.81 15.73
C GLY C 196 -26.81 -15.90 16.95
N LEU C 197 -27.28 -14.65 16.72
CA LEU C 197 -27.60 -13.73 17.83
C LEU C 197 -28.96 -14.10 18.42
N ALA C 198 -29.00 -14.22 19.74
CA ALA C 198 -30.26 -14.33 20.45
C ALA C 198 -30.88 -12.93 20.59
N ILE C 199 -32.15 -12.82 20.20
CA ILE C 199 -32.81 -11.50 20.21
C ILE C 199 -33.54 -11.22 21.51
N HIS C 200 -33.23 -10.07 22.10
CA HIS C 200 -33.88 -9.59 23.33
C HIS C 200 -34.41 -8.23 23.01
N TYR C 201 -35.55 -7.86 23.58
CA TYR C 201 -36.04 -6.51 23.35
C TYR C 201 -36.87 -5.91 24.47
N HIS C 202 -36.96 -4.58 24.42
CA HIS C 202 -37.91 -3.84 25.25
C HIS C 202 -38.68 -2.80 24.44
N ASN C 203 -40.01 -2.89 24.50
CA ASN C 203 -40.91 -1.87 23.98
C ASN C 203 -41.88 -1.58 25.10
N ARG C 204 -42.65 -0.49 24.97
CA ARG C 204 -43.67 -0.24 25.97
C ARG C 204 -44.61 -1.44 26.13
N THR C 205 -45.03 -2.02 25.01
CA THR C 205 -45.93 -3.18 25.04
C THR C 205 -45.27 -4.37 24.35
N ARG C 206 -45.46 -5.54 24.93
CA ARG C 206 -44.98 -6.77 24.30
C ARG C 206 -45.66 -6.98 22.95
N LEU C 207 -44.90 -7.42 21.96
CA LEU C 207 -45.43 -7.75 20.64
C LEU C 207 -46.13 -9.09 20.64
N SER C 208 -46.98 -9.32 19.64
CA SER C 208 -47.57 -10.63 19.37
C SER C 208 -46.47 -11.62 18.99
N HIS C 209 -46.77 -12.91 19.07
CA HIS C 209 -45.85 -13.96 18.63
C HIS C 209 -45.42 -13.82 17.17
N ALA C 210 -46.35 -13.49 16.28
CA ALA C 210 -46.05 -13.33 14.86
C ALA C 210 -44.92 -12.33 14.61
N LEU C 211 -44.93 -11.22 15.35
CA LEU C 211 -43.90 -10.21 15.21
C LEU C 211 -42.69 -10.47 16.11
N GLU C 212 -42.92 -11.12 17.23
CA GLU C 212 -41.86 -11.38 18.15
C GLU C 212 -40.89 -12.40 17.61
N GLU C 213 -41.37 -13.45 16.98
CA GLU C 213 -40.54 -14.50 16.39
C GLU C 213 -39.51 -15.04 17.35
N GLY C 214 -39.95 -15.24 18.56
CA GLY C 214 -39.12 -15.73 19.59
C GLY C 214 -38.37 -14.70 20.33
N ALA C 215 -38.40 -13.41 19.98
CA ALA C 215 -37.48 -12.60 20.77
C ALA C 215 -37.81 -12.60 22.26
N ILE C 216 -36.82 -12.42 23.13
CA ILE C 216 -37.12 -12.35 24.58
C ILE C 216 -37.60 -10.94 25.02
N TYR C 217 -38.83 -10.83 25.51
CA TYR C 217 -39.36 -9.53 25.92
C TYR C 217 -38.92 -9.20 27.33
N HIS C 218 -38.33 -8.01 27.49
CA HIS C 218 -38.00 -7.50 28.81
C HIS C 218 -39.02 -6.43 29.20
N ASP C 219 -39.56 -6.54 30.41
CA ASP C 219 -40.59 -5.64 30.97
CA ASP C 219 -40.61 -5.62 30.86
C ASP C 219 -40.09 -4.22 31.16
N THR C 220 -38.78 -4.09 31.37
CA THR C 220 -38.18 -2.78 31.65
C THR C 220 -36.89 -2.61 30.87
N LEU C 221 -36.49 -1.37 30.67
CA LEU C 221 -35.21 -1.06 30.04
C LEU C 221 -34.03 -1.57 30.86
N ASP C 222 -34.09 -1.40 32.20
CA ASP C 222 -33.04 -1.93 33.06
C ASP C 222 -32.77 -3.41 32.81
N SER C 223 -33.84 -4.20 32.70
CA SER C 223 -33.72 -5.63 32.45
C SER C 223 -33.08 -5.86 31.08
N LEU C 224 -33.49 -5.08 30.08
CA LEU C 224 -32.91 -5.23 28.73
C LEU C 224 -31.41 -4.92 28.80
N LEU C 225 -31.07 -3.79 29.40
CA LEU C 225 -29.67 -3.35 29.45
C LEU C 225 -28.76 -4.42 30.02
N GLY C 226 -29.22 -5.07 31.10
CA GLY C 226 -28.46 -6.12 31.75
C GLY C 226 -28.34 -7.44 31.00
N ALA C 227 -29.03 -7.58 29.87
CA ALA C 227 -29.00 -8.84 29.11
C ALA C 227 -28.38 -8.64 27.74
N SER C 228 -27.91 -7.43 27.47
CA SER C 228 -27.47 -7.06 26.12
C SER C 228 -25.96 -7.16 25.98
N ASP C 229 -25.48 -8.13 25.20
CA ASP C 229 -24.07 -8.13 24.80
C ASP C 229 -23.81 -7.06 23.74
N ILE C 230 -24.81 -6.85 22.88
CA ILE C 230 -24.86 -5.72 21.96
C ILE C 230 -26.17 -5.01 22.27
N PHE C 231 -26.09 -3.75 22.69
CA PHE C 231 -27.31 -2.95 22.97
C PHE C 231 -27.55 -2.02 21.81
N LEU C 232 -28.70 -2.16 21.17
CA LEU C 232 -28.99 -1.42 19.95
C LEU C 232 -30.23 -0.52 20.14
N ILE C 233 -30.09 0.74 19.76
CA ILE C 233 -31.21 1.69 19.85
C ILE C 233 -31.89 1.82 18.50
N ALA C 234 -33.15 1.38 18.44
CA ALA C 234 -33.97 1.51 17.24
C ALA C 234 -35.28 2.27 17.54
N ALA C 235 -35.44 2.75 18.77
CA ALA C 235 -36.63 3.51 19.18
C ALA C 235 -36.72 4.85 18.45
N PRO C 236 -37.89 5.15 17.84
CA PRO C 236 -38.07 6.39 17.07
C PRO C 236 -37.64 7.66 17.79
N GLY C 237 -37.86 7.73 19.09
CA GLY C 237 -37.28 8.88 19.76
C GLY C 237 -38.31 9.96 20.01
N ARG C 238 -38.35 10.35 21.28
CA ARG C 238 -39.45 11.06 21.84
C ARG C 238 -38.79 12.00 22.83
N PRO C 239 -39.47 13.12 23.20
CA PRO C 239 -38.87 13.98 24.21
C PRO C 239 -38.42 13.24 25.47
N GLU C 240 -39.25 12.31 25.96
CA GLU C 240 -38.97 11.58 27.19
C GLU C 240 -37.70 10.74 27.10
N LEU C 241 -37.30 10.39 25.88
CA LEU C 241 -36.13 9.55 25.66
C LEU C 241 -34.82 10.34 25.46
N LYS C 242 -34.90 11.67 25.40
CA LYS C 242 -33.68 12.46 25.16
C LYS C 242 -32.68 12.24 26.31
N GLY C 243 -31.41 11.97 25.95
CA GLY C 243 -30.36 11.67 26.93
C GLY C 243 -30.60 10.42 27.79
N PHE C 244 -31.41 9.47 27.34
CA PHE C 244 -31.75 8.35 28.25
C PHE C 244 -30.55 7.43 28.50
N LEU C 245 -29.70 7.24 27.48
CA LEU C 245 -28.54 6.35 27.66
C LEU C 245 -27.40 7.12 28.31
N ASP C 246 -27.40 7.12 29.65
CA ASP C 246 -26.52 7.99 30.42
C ASP C 246 -25.55 7.15 31.26
N HIS C 247 -24.89 7.78 32.23
CA HIS C 247 -23.84 7.10 32.96
C HIS C 247 -24.39 5.89 33.71
N ASP C 248 -25.49 6.09 34.42
CA ASP C 248 -26.12 5.03 35.21
C ASP C 248 -26.55 3.87 34.35
N ARG C 249 -27.21 4.19 33.22
CA ARG C 249 -27.75 3.14 32.35
C ARG C 249 -26.66 2.33 31.62
N ILE C 250 -25.63 3.01 31.11
CA ILE C 250 -24.46 2.32 30.52
C ILE C 250 -23.78 1.36 31.49
N ALA C 251 -23.65 1.78 32.74
CA ALA C 251 -23.05 0.95 33.76
C ALA C 251 -23.85 -0.34 33.97
N LYS C 252 -25.12 -0.35 33.56
CA LYS C 252 -25.94 -1.56 33.71
C LYS C 252 -25.70 -2.59 32.62
N ILE C 253 -25.16 -2.15 31.50
CA ILE C 253 -24.82 -3.05 30.39
C ILE C 253 -23.62 -3.88 30.83
N PRO C 254 -23.59 -5.19 30.50
CA PRO C 254 -22.43 -6.02 30.86
C PRO C 254 -21.11 -5.44 30.36
N GLU C 255 -20.06 -5.60 31.14
CA GLU C 255 -18.72 -5.22 30.74
C GLU C 255 -18.33 -5.93 29.44
N GLY C 256 -17.73 -5.19 28.51
CA GLY C 256 -17.29 -5.75 27.24
C GLY C 256 -18.34 -5.69 26.12
N ALA C 257 -19.44 -5.00 26.38
CA ALA C 257 -20.52 -4.91 25.39
C ALA C 257 -20.28 -3.85 24.31
N VAL C 258 -21.19 -3.86 23.33
CA VAL C 258 -21.19 -2.94 22.22
C VAL C 258 -22.52 -2.15 22.23
N VAL C 259 -22.43 -0.89 21.90
CA VAL C 259 -23.62 -0.06 21.76
C VAL C 259 -23.75 0.40 20.33
N ILE C 260 -24.97 0.33 19.82
CA ILE C 260 -25.28 0.73 18.48
C ILE C 260 -26.45 1.73 18.51
N ASN C 261 -26.36 2.80 17.72
CA ASN C 261 -27.51 3.73 17.58
C ASN C 261 -27.81 4.01 16.13
N ILE C 262 -29.04 3.70 15.69
CA ILE C 262 -29.48 4.07 14.32
C ILE C 262 -30.71 4.99 14.27
N SER C 263 -31.18 5.44 15.42
CA SER C 263 -32.43 6.21 15.49
CA SER C 263 -32.43 6.21 15.43
C SER C 263 -32.19 7.71 15.54
N ARG C 264 -31.86 8.23 16.72
CA ARG C 264 -31.64 9.67 16.88
C ARG C 264 -30.54 9.91 17.89
N GLY C 265 -29.62 10.81 17.53
CA GLY C 265 -28.41 11.01 18.29
C GLY C 265 -28.61 11.50 19.72
N ASP C 266 -29.60 12.36 19.93
CA ASP C 266 -29.79 12.94 21.28
C ASP C 266 -30.32 11.94 22.33
N LEU C 267 -30.68 10.74 21.91
CA LEU C 267 -31.02 9.67 22.86
C LEU C 267 -29.83 9.22 23.71
N ILE C 268 -28.62 9.50 23.22
CA ILE C 268 -27.36 9.14 23.90
C ILE C 268 -26.65 10.35 24.53
N ASN C 269 -26.31 10.20 25.80
CA ASN C 269 -25.43 11.11 26.51
C ASN C 269 -24.00 10.88 26.03
N ASP C 270 -23.49 11.79 25.20
CA ASP C 270 -22.16 11.62 24.62
C ASP C 270 -21.04 11.48 25.64
N ASP C 271 -21.08 12.30 26.69
CA ASP C 271 -20.12 12.19 27.79
C ASP C 271 -20.08 10.78 28.36
N ALA C 272 -21.26 10.24 28.68
CA ALA C 272 -21.39 8.91 29.24
C ALA C 272 -20.85 7.83 28.30
N LEU C 273 -21.22 7.92 27.02
CA LEU C 273 -20.75 6.93 26.03
C LEU C 273 -19.23 6.99 25.83
N ILE C 274 -18.70 8.19 25.61
CA ILE C 274 -17.26 8.38 25.38
C ILE C 274 -16.41 7.95 26.59
N GLU C 275 -16.94 8.15 27.79
CA GLU C 275 -16.23 7.75 29.02
C GLU C 275 -16.17 6.23 29.10
N ALA C 276 -17.31 5.59 28.83
CA ALA C 276 -17.39 4.12 28.81
C ALA C 276 -16.58 3.46 27.69
N LEU C 277 -16.48 4.09 26.52
CA LEU C 277 -15.60 3.58 25.46
C LEU C 277 -14.11 3.67 25.83
N ARG C 278 -13.70 4.78 26.44
CA ARG C 278 -12.31 4.96 26.87
C ARG C 278 -11.91 4.03 28.03
N SER C 279 -12.83 3.81 28.97
CA SER C 279 -12.57 2.95 30.13
C SER C 279 -12.63 1.48 29.75
N LYS C 280 -13.19 1.22 28.56
CA LYS C 280 -13.41 -0.13 28.02
CA LYS C 280 -13.40 -0.13 28.03
C LYS C 280 -14.44 -0.94 28.81
N HIS C 281 -15.32 -0.26 29.53
CA HIS C 281 -16.50 -0.94 30.06
C HIS C 281 -17.29 -1.39 28.84
N LEU C 282 -17.22 -0.60 27.79
CA LEU C 282 -17.75 -1.01 26.50
C LEU C 282 -16.59 -1.34 25.58
N PHE C 283 -16.68 -2.50 24.93
CA PHE C 283 -15.70 -2.92 23.94
C PHE C 283 -15.66 -1.95 22.76
N ALA C 284 -16.83 -1.54 22.25
CA ALA C 284 -16.88 -0.73 21.04
C ALA C 284 -18.27 -0.14 20.82
N ALA C 285 -18.36 0.79 19.87
CA ALA C 285 -19.65 1.34 19.43
C ALA C 285 -19.77 1.49 17.92
N GLY C 286 -21.00 1.69 17.48
CA GLY C 286 -21.30 2.00 16.10
C GLY C 286 -22.47 2.95 16.10
N LEU C 287 -22.25 4.13 15.53
CA LEU C 287 -23.27 5.18 15.48
C LEU C 287 -23.48 5.68 14.06
N ASP C 288 -24.77 5.73 13.65
CA ASP C 288 -25.19 6.38 12.40
C ASP C 288 -25.81 7.76 12.69
N VAL C 289 -26.01 8.10 13.95
CA VAL C 289 -26.70 9.34 14.36
C VAL C 289 -25.99 9.91 15.58
N PHE C 290 -26.00 11.24 15.73
CA PHE C 290 -25.20 11.88 16.78
C PHE C 290 -25.92 13.11 17.32
N ALA C 291 -25.84 13.30 18.64
CA ALA C 291 -26.34 14.54 19.24
C ALA C 291 -25.74 15.75 18.52
N ASN C 292 -26.60 16.68 18.09
CA ASN C 292 -26.12 17.93 17.45
C ASN C 292 -25.52 17.78 16.05
N GLU C 293 -25.70 16.61 15.42
CA GLU C 293 -25.16 16.39 14.09
C GLU C 293 -25.51 17.54 13.15
N PRO C 294 -24.60 17.94 12.25
CA PRO C 294 -23.27 17.37 12.01
C PRO C 294 -22.18 17.84 12.96
N ALA C 295 -22.54 18.72 13.91
CA ALA C 295 -21.60 19.23 14.93
C ALA C 295 -21.46 18.20 16.04
N ILE C 296 -20.90 17.05 15.68
CA ILE C 296 -20.81 15.92 16.58
C ILE C 296 -19.66 16.17 17.56
N ASP C 297 -19.73 15.50 18.70
CA ASP C 297 -18.71 15.64 19.74
C ASP C 297 -17.34 15.35 19.12
N PRO C 298 -16.41 16.31 19.21
CA PRO C 298 -15.10 16.14 18.57
C PRO C 298 -14.35 14.89 19.02
N ARG C 299 -14.67 14.39 20.22
CA ARG C 299 -13.93 13.25 20.81
C ARG C 299 -14.20 11.91 20.10
N TYR C 300 -15.35 11.78 19.44
CA TYR C 300 -15.70 10.54 18.75
C TYR C 300 -14.69 10.18 17.68
N ARG C 301 -14.21 11.22 16.99
CA ARG C 301 -13.34 11.04 15.84
C ARG C 301 -11.95 10.47 16.16
N SER C 302 -11.52 10.51 17.43
CA SER C 302 -10.21 9.96 17.78
C SER C 302 -10.27 8.62 18.53
N LEU C 303 -11.47 8.04 18.64
CA LEU C 303 -11.66 6.71 19.25
C LEU C 303 -11.40 5.58 18.25
N ASP C 304 -10.52 4.66 18.61
CA ASP C 304 -10.30 3.48 17.77
C ASP C 304 -11.42 2.43 17.83
N ASN C 305 -12.19 2.43 18.91
CA ASN C 305 -13.25 1.44 19.14
C ASN C 305 -14.67 1.99 18.86
N ILE C 306 -14.75 2.80 17.81
CA ILE C 306 -16.03 3.23 17.25
C ILE C 306 -15.97 3.17 15.72
N PHE C 307 -17.13 2.87 15.14
CA PHE C 307 -17.33 3.08 13.72
C PHE C 307 -18.44 4.13 13.55
N LEU C 308 -18.21 5.05 12.62
CA LEU C 308 -19.09 6.20 12.44
C LEU C 308 -19.65 6.18 11.03
N THR C 309 -20.94 6.46 10.90
CA THR C 309 -21.58 6.59 9.59
C THR C 309 -22.44 7.86 9.62
N PRO C 310 -22.44 8.62 8.52
CA PRO C 310 -23.08 9.94 8.52
C PRO C 310 -24.59 9.94 8.26
N HIS C 311 -25.34 9.26 9.12
CA HIS C 311 -26.78 9.20 8.97
C HIS C 311 -27.23 8.69 7.60
N ILE C 312 -26.67 7.56 7.21
CA ILE C 312 -26.96 6.98 5.90
C ILE C 312 -27.89 5.78 5.98
N GLY C 313 -28.56 5.60 7.11
CA GLY C 313 -29.58 4.53 7.23
C GLY C 313 -30.36 4.20 5.95
N SER C 314 -31.04 5.20 5.39
CA SER C 314 -31.93 4.96 4.24
C SER C 314 -31.31 5.23 2.88
N ALA C 315 -29.98 5.38 2.81
CA ALA C 315 -29.28 5.83 1.61
C ALA C 315 -28.89 4.67 0.68
N THR C 316 -29.90 4.09 0.05
CA THR C 316 -29.64 3.29 -1.17
C THR C 316 -30.35 3.96 -2.32
N HIS C 317 -29.85 3.72 -3.53
CA HIS C 317 -30.46 4.27 -4.74
C HIS C 317 -31.93 3.94 -4.85
N GLU C 318 -32.25 2.66 -4.65
CA GLU C 318 -33.62 2.18 -4.73
C GLU C 318 -34.54 2.75 -3.65
N THR C 319 -34.04 2.81 -2.41
CA THR C 319 -34.83 3.32 -1.27
C THR C 319 -35.12 4.80 -1.40
N ARG C 320 -34.11 5.61 -1.79
CA ARG C 320 -34.34 7.04 -1.85
C ARG C 320 -35.25 7.37 -3.03
N ASP C 321 -35.11 6.62 -4.12
CA ASP C 321 -36.02 6.82 -5.26
CA ASP C 321 -36.01 6.78 -5.28
C ASP C 321 -37.45 6.41 -4.90
N ALA C 322 -37.60 5.30 -4.18
CA ALA C 322 -38.93 4.85 -3.72
C ALA C 322 -39.60 5.89 -2.80
N GLY C 324 -39.05 9.19 -2.83
CA GLY C 324 -39.52 10.27 -3.70
C GLY C 324 -40.82 9.94 -4.43
N TRP C 325 -40.88 8.73 -5.02
CA TRP C 325 -42.09 8.27 -5.69
C TRP C 325 -43.32 8.17 -4.78
N LEU C 326 -43.16 7.80 -3.52
CA LEU C 326 -44.32 7.80 -2.60
C LEU C 326 -44.92 9.21 -2.48
N LEU C 327 -44.06 10.21 -2.44
CA LEU C 327 -44.57 11.60 -2.31
C LEU C 327 -45.31 12.02 -3.58
N ILE C 328 -44.68 11.74 -4.70
CA ILE C 328 -45.29 12.06 -5.98
C ILE C 328 -46.63 11.34 -6.13
N GLN C 329 -46.66 10.03 -5.84
CA GLN C 329 -47.90 9.27 -5.97
C GLN C 329 -49.01 9.75 -5.02
N GLY C 330 -48.62 10.08 -3.78
CA GLY C 330 -49.56 10.64 -2.80
C GLY C 330 -50.19 11.93 -3.27
N ILE C 331 -49.41 12.80 -3.92
CA ILE C 331 -49.92 14.10 -4.39
C ILE C 331 -50.86 13.87 -5.58
N GLU C 332 -50.48 12.94 -6.46
CA GLU C 332 -51.34 12.54 -7.58
C GLU C 332 -52.72 12.12 -7.02
N ALA C 333 -52.71 11.32 -5.95
CA ALA C 333 -53.96 10.83 -5.33
C ALA C 333 -54.79 11.98 -4.74
N LEU C 334 -54.14 12.92 -4.05
CA LEU C 334 -54.81 14.15 -3.60
C LEU C 334 -55.39 14.96 -4.77
N ASN C 335 -54.67 15.05 -5.89
CA ASN C 335 -55.14 15.83 -7.05
C ASN C 335 -56.39 15.23 -7.73
N GLN C 336 -56.69 13.97 -7.41
CA GLN C 336 -57.86 13.26 -7.93
C GLN C 336 -58.90 12.98 -6.85
N SER C 337 -58.74 13.62 -5.69
CA SER C 337 -59.65 13.47 -4.55
C SER C 337 -59.73 12.05 -3.96
N ASP C 338 -58.68 11.28 -4.15
CA ASP C 338 -58.58 9.95 -3.56
C ASP C 338 -57.79 10.05 -2.27
N VAL C 339 -57.92 9.05 -1.40
CA VAL C 339 -57.14 9.03 -0.17
C VAL C 339 -55.77 8.39 -0.41
N PRO C 340 -54.69 9.16 -0.18
CA PRO C 340 -53.34 8.60 -0.33
C PRO C 340 -53.08 7.53 0.73
N ASP C 341 -52.44 6.42 0.35
CA ASP C 341 -52.01 5.41 1.32
C ASP C 341 -51.08 5.99 2.39
N ASN C 342 -50.29 7.01 2.01
CA ASN C 342 -49.26 7.59 2.89
C ASN C 342 -49.65 8.94 3.52
N LEU C 343 -50.95 9.17 3.65
CA LEU C 343 -51.43 10.40 4.31
C LEU C 343 -51.40 10.22 5.83
N ILE C 344 -50.82 11.18 6.54
CA ILE C 344 -50.85 11.20 8.02
C ILE C 344 -52.03 12.03 8.50
N SER C 345 -52.96 11.42 9.23
CA SER C 345 -54.12 12.15 9.74
C SER C 345 -53.76 13.17 10.85
N ILE D 28 -20.71 14.72 -20.27
CA ILE D 28 -21.68 15.77 -19.83
C ILE D 28 -20.97 17.10 -19.58
N GLN D 29 -19.91 17.08 -18.77
CA GLN D 29 -19.21 18.31 -18.35
C GLN D 29 -18.13 18.74 -19.32
N LYS D 30 -18.05 20.06 -19.50
CA LYS D 30 -16.95 20.68 -20.24
C LYS D 30 -15.74 20.83 -19.33
N ALA D 31 -14.60 20.32 -19.79
CA ALA D 31 -13.35 20.46 -19.07
C ALA D 31 -12.27 21.04 -19.95
N PHE D 32 -11.34 21.78 -19.36
CA PHE D 32 -10.14 22.20 -20.07
C PHE D 32 -8.87 21.75 -19.35
N LEU D 33 -7.97 21.12 -20.12
CA LEU D 33 -6.70 20.60 -19.61
C LEU D 33 -5.52 21.48 -20.05
N CYS D 34 -4.81 22.06 -19.07
CA CYS D 34 -3.81 23.12 -19.33
C CYS D 34 -2.42 22.62 -19.74
N ARG D 35 -2.08 21.40 -19.35
CA ARG D 35 -0.80 20.78 -19.71
C ARG D 35 -1.10 19.36 -20.16
N ARG D 36 -0.31 18.81 -21.08
CA ARG D 36 -0.47 17.39 -21.40
C ARG D 36 -0.22 16.48 -20.20
N PHE D 37 -1.08 15.49 -20.01
CA PHE D 37 -0.88 14.47 -19.00
C PHE D 37 -0.46 13.19 -19.72
N THR D 38 -0.26 12.09 -19.02
CA THR D 38 0.04 10.81 -19.72
C THR D 38 -1.10 10.45 -20.68
N PRO D 39 -0.77 9.79 -21.80
CA PRO D 39 -1.78 9.27 -22.73
C PRO D 39 -2.86 8.43 -22.01
N ALA D 40 -2.44 7.64 -21.02
CA ALA D 40 -3.39 6.85 -20.22
C ALA D 40 -4.43 7.75 -19.54
N ILE D 41 -3.99 8.82 -18.88
CA ILE D 41 -4.93 9.68 -18.14
C ILE D 41 -5.76 10.55 -19.09
N GLU D 42 -5.15 11.05 -20.17
CA GLU D 42 -5.87 11.85 -21.15
C GLU D 42 -7.04 11.08 -21.79
N ALA D 43 -6.85 9.77 -22.00
CA ALA D 43 -7.88 8.89 -22.52
C ALA D 43 -9.05 8.76 -21.55
N GLU D 44 -8.76 8.62 -20.26
CA GLU D 44 -9.81 8.57 -19.25
C GLU D 44 -10.57 9.89 -19.17
N LEU D 45 -9.85 11.01 -19.34
CA LEU D 45 -10.47 12.33 -19.31
C LEU D 45 -11.37 12.59 -20.54
N ARG D 46 -10.93 12.14 -21.73
CA ARG D 46 -11.75 12.28 -22.93
C ARG D 46 -13.02 11.47 -22.82
N GLN D 47 -12.90 10.28 -22.25
CA GLN D 47 -14.04 9.40 -22.03
C GLN D 47 -15.11 10.04 -21.12
N ARG D 48 -14.64 10.83 -20.14
CA ARG D 48 -15.50 11.37 -19.09
C ARG D 48 -16.01 12.80 -19.28
N PHE D 49 -15.31 13.57 -20.11
CA PHE D 49 -15.57 15.01 -20.26
C PHE D 49 -15.59 15.40 -21.73
N ASP D 50 -16.31 16.47 -22.04
CA ASP D 50 -16.14 17.18 -23.30
C ASP D 50 -14.85 17.97 -23.13
N LEU D 51 -13.75 17.35 -23.54
CA LEU D 51 -12.42 17.81 -23.19
C LEU D 51 -11.74 18.61 -24.27
N GLU D 52 -11.22 19.77 -23.89
CA GLU D 52 -10.31 20.53 -24.75
C GLU D 52 -8.95 20.60 -24.07
N VAL D 53 -7.90 20.40 -24.86
CA VAL D 53 -6.56 20.25 -24.34
C VAL D 53 -5.64 21.33 -24.90
N ASN D 54 -4.70 21.77 -24.08
CA ASN D 54 -3.62 22.59 -24.56
C ASN D 54 -2.57 21.73 -25.23
N LEU D 55 -2.79 21.46 -26.51
CA LEU D 55 -2.06 20.46 -27.23
C LEU D 55 -0.58 20.68 -27.27
N GLU D 56 -0.16 21.91 -27.50
CA GLU D 56 1.25 22.21 -27.60
C GLU D 56 1.95 22.13 -26.29
N ASP D 57 1.19 22.03 -25.24
CA ASP D 57 1.74 21.86 -23.91
C ASP D 57 2.59 23.01 -23.41
N THR D 58 2.48 24.14 -24.07
CA THR D 58 3.16 25.36 -23.64
C THR D 58 2.50 25.89 -22.37
N VAL D 59 3.29 26.34 -21.42
CA VAL D 59 2.74 26.94 -20.19
C VAL D 59 1.95 28.21 -20.53
N LEU D 60 0.64 28.14 -20.38
CA LEU D 60 -0.26 29.26 -20.68
C LEU D 60 -0.21 30.32 -19.58
N THR D 61 -0.48 31.58 -19.94
CA THR D 61 -0.52 32.67 -18.98
C THR D 61 -1.91 32.78 -18.33
N PRO D 62 -1.99 33.43 -17.15
CA PRO D 62 -3.30 33.66 -16.54
C PRO D 62 -4.36 34.18 -17.53
N SER D 63 -3.98 35.06 -18.47
CA SER D 63 -4.93 35.55 -19.47
C SER D 63 -5.18 34.55 -20.59
N GLY D 64 -4.16 33.78 -20.96
CA GLY D 64 -4.31 32.65 -21.89
C GLY D 64 -5.26 31.58 -21.37
N ILE D 65 -5.06 31.18 -20.10
CA ILE D 65 -5.95 30.24 -19.42
C ILE D 65 -7.40 30.75 -19.45
N ALA D 66 -7.60 31.99 -19.00
CA ALA D 66 -8.93 32.61 -18.94
C ALA D 66 -9.61 32.66 -20.30
N SER D 67 -8.79 32.82 -21.35
CA SER D 67 -9.29 32.85 -22.71
C SER D 67 -9.64 31.47 -23.21
N ARG D 68 -8.64 30.59 -23.21
CA ARG D 68 -8.74 29.23 -23.73
C ARG D 68 -9.73 28.34 -22.98
N ALA D 69 -9.85 28.56 -21.67
CA ALA D 69 -10.70 27.73 -20.83
C ALA D 69 -12.16 28.18 -20.83
N HIS D 70 -12.48 29.27 -21.55
CA HIS D 70 -13.81 29.87 -21.45
C HIS D 70 -14.94 28.91 -21.79
N GLY D 71 -15.84 28.69 -20.84
CA GLY D 71 -16.96 27.76 -21.02
C GLY D 71 -16.81 26.44 -20.29
N ALA D 72 -15.59 26.15 -19.83
CA ALA D 72 -15.31 24.90 -19.14
C ALA D 72 -15.87 24.92 -17.72
N GLU D 73 -16.45 23.80 -17.30
CA GLU D 73 -16.91 23.61 -15.92
C GLU D 73 -15.75 23.15 -15.01
N VAL D 74 -14.88 22.32 -15.58
CA VAL D 74 -13.76 21.74 -14.85
C VAL D 74 -12.43 22.19 -15.43
N LEU D 75 -11.54 22.69 -14.58
CA LEU D 75 -10.22 23.14 -15.02
C LEU D 75 -9.10 22.25 -14.48
N PHE D 76 -8.46 21.51 -15.38
CA PHE D 76 -7.27 20.69 -15.04
C PHE D 76 -5.97 21.46 -15.15
N VAL D 77 -5.27 21.57 -14.02
CA VAL D 77 -4.09 22.40 -13.93
C VAL D 77 -2.96 21.63 -13.24
N THR D 78 -1.78 22.25 -13.25
CA THR D 78 -0.65 21.80 -12.46
C THR D 78 -0.06 23.00 -11.74
N ALA D 79 0.93 22.75 -10.90
CA ALA D 79 1.59 23.80 -10.13
C ALA D 79 2.20 24.89 -11.03
N THR D 80 2.25 24.66 -12.35
CA THR D 80 2.80 25.62 -13.30
C THR D 80 1.78 26.65 -13.85
N GLU D 81 0.52 26.51 -13.44
CA GLU D 81 -0.55 27.42 -13.86
C GLU D 81 -0.90 28.37 -12.73
N ALA D 82 -0.78 29.67 -13.00
CA ALA D 82 -1.16 30.70 -12.04
C ALA D 82 -2.67 30.93 -12.09
N ILE D 83 -3.40 30.26 -11.21
CA ILE D 83 -4.85 30.39 -11.16
C ILE D 83 -5.28 31.52 -10.22
N THR D 84 -5.19 32.74 -10.73
CA THR D 84 -5.45 33.92 -9.92
C THR D 84 -6.94 34.23 -9.75
N ALA D 85 -7.24 35.25 -8.95
CA ALA D 85 -8.62 35.70 -8.73
C ALA D 85 -9.31 36.01 -10.06
N GLU D 86 -8.59 36.69 -10.95
CA GLU D 86 -9.13 37.13 -12.23
C GLU D 86 -9.41 35.97 -13.19
N VAL D 87 -8.56 34.94 -13.16
CA VAL D 87 -8.81 33.72 -13.93
C VAL D 87 -10.11 33.11 -13.45
N ILE D 88 -10.27 33.05 -12.13
CA ILE D 88 -11.44 32.42 -11.52
C ILE D 88 -12.71 33.21 -11.85
N ARG D 89 -12.61 34.54 -11.74
CA ARG D 89 -13.73 35.43 -12.03
C ARG D 89 -14.10 35.48 -13.52
N LYS D 90 -13.10 35.55 -14.42
CA LYS D 90 -13.36 35.54 -15.87
C LYS D 90 -14.01 34.27 -16.40
N LEU D 91 -13.70 33.13 -15.79
CA LEU D 91 -14.31 31.88 -16.21
C LEU D 91 -15.72 31.68 -15.63
N GLN D 92 -16.19 32.64 -14.84
CA GLN D 92 -17.58 32.62 -14.36
C GLN D 92 -18.52 32.93 -15.52
N PRO D 93 -19.72 32.33 -15.53
CA PRO D 93 -20.28 31.48 -14.47
C PRO D 93 -20.06 29.98 -14.65
N GLY D 94 -19.35 29.58 -15.70
CA GLY D 94 -19.23 28.17 -16.08
C GLY D 94 -18.34 27.32 -15.19
N LEU D 95 -17.22 27.89 -14.74
CA LEU D 95 -16.26 27.16 -13.92
C LEU D 95 -16.80 26.84 -12.52
N LYS D 96 -16.75 25.56 -12.17
CA LYS D 96 -17.23 25.10 -10.88
C LYS D 96 -16.15 24.32 -10.11
N THR D 97 -15.19 23.75 -10.83
CA THR D 97 -14.19 22.86 -10.23
C THR D 97 -12.77 23.10 -10.79
N ILE D 98 -11.80 23.27 -9.89
CA ILE D 98 -10.40 23.31 -10.24
C ILE D 98 -9.75 22.02 -9.71
N ALA D 99 -9.10 21.28 -10.61
CA ALA D 99 -8.41 20.04 -10.24
C ALA D 99 -6.94 20.16 -10.57
N THR D 100 -6.09 20.18 -9.54
CA THR D 100 -4.65 20.35 -9.75
C THR D 100 -3.89 19.03 -9.56
N LEU D 101 -3.04 18.73 -10.53
CA LEU D 101 -2.14 17.56 -10.45
C LEU D 101 -0.91 17.90 -9.62
N SER D 102 -1.10 18.06 -8.32
CA SER D 102 -0.04 18.50 -7.42
C SER D 102 -0.50 18.29 -6.01
N VAL D 103 0.47 18.06 -5.14
CA VAL D 103 0.20 18.06 -3.69
C VAL D 103 -0.18 19.47 -3.20
N GLY D 104 0.60 20.48 -3.58
CA GLY D 104 0.37 21.86 -3.12
C GLY D 104 -0.69 22.59 -3.92
N TYR D 105 -1.15 23.72 -3.38
CA TYR D 105 -2.18 24.52 -4.05
C TYR D 105 -1.93 26.04 -3.92
N ASP D 106 -0.67 26.42 -3.69
CA ASP D 106 -0.27 27.83 -3.63
C ASP D 106 -0.63 28.63 -4.87
N HIS D 107 -0.56 27.96 -6.02
CA HIS D 107 -0.76 28.60 -7.33
C HIS D 107 -2.22 28.92 -7.65
N ILE D 108 -3.14 28.47 -6.80
CA ILE D 108 -4.57 28.81 -6.95
C ILE D 108 -4.98 29.77 -5.83
N ASP D 109 -5.81 30.75 -6.17
CA ASP D 109 -6.28 31.75 -5.20
C ASP D 109 -7.47 31.18 -4.42
N ALA D 111 -8.86 31.97 -1.56
CA ALA D 111 -9.81 32.97 -1.05
C ALA D 111 -10.85 33.27 -2.12
N ALA D 112 -10.36 33.54 -3.34
CA ALA D 112 -11.20 33.76 -4.52
C ALA D 112 -12.09 32.55 -4.83
N ALA D 113 -11.51 31.35 -4.84
CA ALA D 113 -12.30 30.13 -5.04
C ALA D 113 -13.39 29.97 -3.97
N ARG D 114 -13.00 30.16 -2.70
CA ARG D 114 -13.95 30.02 -1.57
C ARG D 114 -15.13 30.99 -1.64
N SER D 115 -14.85 32.24 -2.02
CA SER D 115 -15.91 33.25 -2.11
C SER D 115 -16.89 32.95 -3.24
N LEU D 116 -16.42 32.20 -4.25
CA LEU D 116 -17.29 31.78 -5.37
C LEU D 116 -17.85 30.36 -5.24
N GLY D 117 -17.55 29.68 -4.13
CA GLY D 117 -18.01 28.29 -3.94
C GLY D 117 -17.36 27.26 -4.87
N ILE D 118 -16.24 27.62 -5.51
CA ILE D 118 -15.53 26.72 -6.42
C ILE D 118 -14.87 25.56 -5.66
N LYS D 119 -15.07 24.34 -6.17
CA LYS D 119 -14.43 23.16 -5.61
C LYS D 119 -12.99 23.04 -6.08
N VAL D 120 -12.07 22.85 -5.13
CA VAL D 120 -10.66 22.68 -5.45
C VAL D 120 -10.15 21.31 -4.98
N LEU D 121 -9.60 20.56 -5.93
CA LEU D 121 -9.08 19.21 -5.68
C LEU D 121 -7.58 19.14 -5.92
N HIS D 122 -6.87 18.39 -5.07
CA HIS D 122 -5.42 18.16 -5.25
C HIS D 122 -5.10 16.67 -5.17
N THR D 123 -3.83 16.30 -5.21
CA THR D 123 -3.43 14.90 -5.29
C THR D 123 -2.39 14.52 -4.23
N PRO D 124 -2.81 14.48 -2.94
CA PRO D 124 -1.80 14.16 -1.94
C PRO D 124 -1.52 12.66 -1.75
N ASP D 125 -0.37 12.39 -1.13
CA ASP D 125 -0.11 11.10 -0.49
C ASP D 125 0.06 9.89 -1.42
N VAL D 126 0.40 10.12 -2.69
CA VAL D 126 0.62 8.97 -3.60
C VAL D 126 1.99 9.06 -4.30
N LEU D 127 2.89 9.84 -3.73
CA LEU D 127 4.18 10.12 -4.40
C LEU D 127 5.38 9.46 -3.72
N SER D 128 5.16 8.76 -2.61
CA SER D 128 6.31 8.37 -1.78
C SER D 128 7.26 7.36 -2.44
N ASP D 129 6.72 6.32 -3.10
CA ASP D 129 7.58 5.31 -3.74
C ASP D 129 8.47 5.94 -4.80
N ALA D 130 7.86 6.70 -5.71
CA ALA D 130 8.63 7.37 -6.80
C ALA D 130 9.66 8.34 -6.22
N CYS D 131 9.28 9.13 -5.21
CA CYS D 131 10.23 10.10 -4.67
C CYS D 131 11.40 9.40 -3.95
N ALA D 132 11.09 8.32 -3.25
CA ALA D 132 12.13 7.55 -2.54
C ALA D 132 13.13 6.92 -3.52
N GLU D 133 12.67 6.54 -4.71
CA GLU D 133 13.53 6.04 -5.74
C GLU D 133 14.50 7.12 -6.17
N ILE D 134 14.02 8.33 -6.37
CA ILE D 134 14.92 9.43 -6.78
C ILE D 134 15.89 9.80 -5.64
N ALA D 135 15.43 9.69 -4.40
CA ALA D 135 16.31 9.96 -3.26
C ALA D 135 17.50 8.95 -3.31
N LEU D 137 18.54 7.07 -5.84
CA LEU D 137 19.32 7.40 -7.05
C LEU D 137 20.36 8.46 -6.77
N LEU D 138 19.94 9.52 -6.12
CA LEU D 138 20.83 10.63 -5.84
C LEU D 138 21.89 10.23 -4.81
N VAL D 139 21.45 9.46 -3.82
CA VAL D 139 22.36 8.92 -2.80
C VAL D 139 23.46 8.06 -3.46
N LEU D 140 23.06 7.15 -4.36
CA LEU D 140 23.99 6.20 -4.97
C LEU D 140 24.90 6.91 -5.96
N ASN D 141 24.33 7.77 -6.79
CA ASN D 141 25.15 8.56 -7.71
C ASN D 141 26.15 9.49 -7.02
N ALA D 142 25.79 10.06 -5.87
CA ALA D 142 26.69 11.01 -5.18
C ALA D 142 27.83 10.24 -4.53
N CYS D 143 27.47 9.18 -3.80
CA CYS D 143 28.45 8.36 -3.07
C CYS D 143 29.37 7.62 -4.04
N ARG D 144 28.83 7.16 -5.17
CA ARG D 144 29.58 6.26 -6.05
C ARG D 144 30.03 6.93 -7.36
N ARG D 145 29.79 8.23 -7.44
CA ARG D 145 30.35 9.11 -8.48
C ARG D 145 29.75 8.87 -9.88
N GLY D 146 28.43 8.66 -9.91
CA GLY D 146 27.72 8.35 -11.16
C GLY D 146 27.97 9.36 -12.27
N TYR D 147 28.02 10.65 -11.94
CA TYR D 147 28.24 11.68 -13.00
C TYR D 147 29.60 11.50 -13.72
N GLU D 148 30.67 11.51 -12.94
CA GLU D 148 32.03 11.28 -13.47
C GLU D 148 32.15 9.95 -14.19
N ALA D 149 31.44 8.93 -13.69
CA ALA D 149 31.43 7.59 -14.26
C ALA D 149 30.88 7.55 -15.66
N ASP D 150 29.66 8.08 -15.84
CA ASP D 150 28.99 8.00 -17.12
C ASP D 150 29.72 8.93 -18.09
N ARG D 151 30.11 10.13 -17.62
CA ARG D 151 30.82 11.11 -18.50
C ARG D 151 32.10 10.51 -19.03
N VAL D 153 32.99 7.21 -19.39
CA VAL D 153 32.75 6.21 -20.42
C VAL D 153 32.25 6.85 -21.75
N ARG D 154 31.35 7.81 -21.63
CA ARG D 154 30.66 8.42 -22.78
C ARG D 154 31.62 9.29 -23.62
N SER D 155 32.65 9.83 -22.97
CA SER D 155 33.58 10.74 -23.64
C SER D 155 34.65 10.00 -24.43
N GLY D 156 34.67 8.68 -24.31
CA GLY D 156 35.67 7.87 -25.01
C GLY D 156 37.07 7.95 -24.44
N SER D 157 37.20 8.48 -23.23
CA SER D 157 38.49 8.70 -22.60
C SER D 157 38.77 7.71 -21.47
N TRP D 158 37.90 6.71 -21.31
CA TRP D 158 38.07 5.68 -20.29
C TRP D 158 39.29 4.81 -20.59
N PRO D 159 40.32 4.82 -19.72
CA PRO D 159 41.52 4.01 -20.03
C PRO D 159 41.37 2.52 -19.73
N GLY D 160 40.26 2.13 -19.10
CA GLY D 160 40.10 0.76 -18.64
C GLY D 160 40.11 0.66 -17.13
N TRP D 161 39.62 -0.47 -16.63
CA TRP D 161 39.55 -0.80 -15.20
C TRP D 161 40.89 -0.60 -14.51
N GLY D 162 40.85 -0.09 -13.29
CA GLY D 162 42.07 0.09 -12.50
C GLY D 162 41.70 0.05 -11.04
N PRO D 163 42.60 -0.46 -10.18
CA PRO D 163 42.25 -0.59 -8.76
C PRO D 163 42.05 0.74 -8.03
N THR D 164 42.49 1.86 -8.62
CA THR D 164 42.27 3.17 -8.00
C THR D 164 41.33 4.09 -8.79
N GLN D 165 40.62 3.52 -9.75
CA GLN D 165 39.74 4.32 -10.60
C GLN D 165 38.38 4.65 -9.94
N LEU D 166 38.06 5.94 -9.88
CA LEU D 166 36.76 6.42 -9.37
C LEU D 166 36.32 5.76 -8.09
N LEU D 167 37.21 5.73 -7.10
CA LEU D 167 36.84 5.21 -5.79
C LEU D 167 35.77 6.08 -5.15
N GLY D 168 34.73 5.43 -4.63
CA GLY D 168 33.59 6.14 -4.04
C GLY D 168 33.47 5.74 -2.58
N GLY D 170 31.41 3.65 0.15
CA GLY D 170 30.44 2.57 0.37
C GLY D 170 29.39 3.06 1.34
N LEU D 171 28.18 2.51 1.23
CA LEU D 171 27.08 2.88 2.14
C LEU D 171 27.09 2.01 3.40
N THR D 172 27.67 0.81 3.29
CA THR D 172 27.60 -0.16 4.39
C THR D 172 28.28 0.39 5.66
N GLY D 173 27.54 0.41 6.77
CA GLY D 173 28.03 0.92 8.05
C GLY D 173 28.00 2.43 8.24
N ARG D 174 27.49 3.17 7.25
CA ARG D 174 27.38 4.62 7.33
C ARG D 174 26.00 5.06 7.83
N ARG D 175 25.89 6.33 8.22
CA ARG D 175 24.67 6.86 8.87
C ARG D 175 23.94 7.80 7.92
N LEU D 176 22.68 7.49 7.62
CA LEU D 176 21.83 8.37 6.81
C LEU D 176 20.91 9.15 7.74
N GLY D 177 21.04 10.47 7.69
CA GLY D 177 20.22 11.39 8.48
C GLY D 177 19.16 12.06 7.65
N ILE D 178 17.91 11.85 8.03
CA ILE D 178 16.76 12.35 7.26
C ILE D 178 16.05 13.45 8.05
N PHE D 179 16.04 14.64 7.44
CA PHE D 179 15.37 15.79 7.99
C PHE D 179 13.96 15.79 7.44
N GLY D 180 12.99 15.68 8.35
CA GLY D 180 11.59 15.64 7.99
C GLY D 180 11.22 14.27 7.47
N GLY D 182 8.67 12.04 7.14
CA GLY D 182 7.25 11.70 7.05
C GLY D 182 7.03 10.48 6.19
N ARG D 183 5.94 10.45 5.42
CA ARG D 183 5.66 9.32 4.54
C ARG D 183 6.77 9.12 3.48
N ILE D 184 7.21 10.20 2.87
CA ILE D 184 8.32 10.16 1.92
C ILE D 184 9.64 9.74 2.60
N GLY D 185 9.99 10.40 3.69
CA GLY D 185 11.15 10.00 4.48
C GLY D 185 11.20 8.54 4.87
N ARG D 186 10.09 7.99 5.38
CA ARG D 186 10.03 6.59 5.83
C ARG D 186 10.21 5.60 4.69
N ALA D 187 9.70 5.98 3.51
CA ALA D 187 9.88 5.23 2.28
C ALA D 187 11.35 5.21 1.84
N ILE D 188 12.03 6.35 2.02
CA ILE D 188 13.47 6.46 1.79
C ILE D 188 14.23 5.58 2.77
N ALA D 189 13.84 5.60 4.05
CA ALA D 189 14.44 4.77 5.08
C ALA D 189 14.34 3.27 4.80
N THR D 190 13.15 2.81 4.40
CA THR D 190 12.97 1.41 4.03
C THR D 190 13.97 0.97 2.98
N ARG D 191 14.16 1.79 1.95
CA ARG D 191 15.10 1.43 0.91
C ARG D 191 16.56 1.52 1.35
N ALA D 192 16.87 2.53 2.17
CA ALA D 192 18.23 2.73 2.63
C ALA D 192 18.72 1.58 3.52
N ARG D 193 17.81 1.01 4.31
CA ARG D 193 18.20 -0.06 5.25
C ARG D 193 18.85 -1.26 4.56
N GLY D 194 18.35 -1.64 3.39
CA GLY D 194 18.89 -2.75 2.64
C GLY D 194 20.35 -2.57 2.25
N PHE D 195 20.84 -1.32 2.24
CA PHE D 195 22.22 -1.03 1.84
C PHE D 195 23.12 -0.99 3.06
N GLY D 196 22.56 -1.32 4.21
CA GLY D 196 23.32 -1.37 5.44
C GLY D 196 23.53 0.00 6.05
N LEU D 197 22.74 0.99 5.61
CA LEU D 197 22.77 2.32 6.21
C LEU D 197 22.01 2.30 7.53
N ALA D 198 22.59 2.96 8.55
CA ALA D 198 21.93 3.15 9.84
C ALA D 198 21.09 4.43 9.77
N ILE D 199 19.84 4.37 10.20
CA ILE D 199 18.93 5.49 10.00
C ILE D 199 18.87 6.44 11.20
N HIS D 200 19.16 7.71 10.93
CA HIS D 200 18.97 8.79 11.90
C HIS D 200 17.93 9.76 11.35
N TYR D 201 17.18 10.42 12.22
CA TYR D 201 16.23 11.44 11.75
C TYR D 201 15.92 12.55 12.74
N HIS D 202 15.42 13.65 12.18
CA HIS D 202 14.84 14.72 12.98
C HIS D 202 13.53 15.21 12.37
N ASN D 203 12.48 15.11 13.18
CA ASN D 203 11.18 15.73 12.96
C ASN D 203 10.88 16.64 14.15
N ARG D 204 9.93 17.55 14.00
CA ARG D 204 9.52 18.43 15.09
C ARG D 204 8.95 17.66 16.28
N THR D 205 8.12 16.66 15.99
CA THR D 205 7.67 15.71 17.00
C THR D 205 8.21 14.34 16.65
N ARG D 206 8.66 13.61 17.66
CA ARG D 206 9.15 12.24 17.50
C ARG D 206 8.03 11.32 17.01
N LEU D 207 8.39 10.36 16.16
CA LEU D 207 7.43 9.38 15.66
C LEU D 207 7.20 8.29 16.69
N SER D 208 6.11 7.55 16.56
CA SER D 208 5.85 6.39 17.41
C SER D 208 6.99 5.38 17.27
N HIS D 209 7.23 4.61 18.33
CA HIS D 209 8.25 3.57 18.31
C HIS D 209 8.10 2.63 17.11
N ALA D 210 6.86 2.21 16.82
CA ALA D 210 6.58 1.33 15.67
C ALA D 210 6.95 1.93 14.31
N LEU D 211 6.69 3.22 14.10
CA LEU D 211 7.02 3.88 12.84
C LEU D 211 8.53 4.14 12.70
N GLU D 212 9.24 4.22 13.81
CA GLU D 212 10.67 4.44 13.82
C GLU D 212 11.44 3.28 13.24
N GLU D 213 11.05 2.07 13.56
CA GLU D 213 11.75 0.92 13.10
C GLU D 213 13.23 0.96 13.48
N GLY D 214 13.50 1.45 14.67
CA GLY D 214 14.84 1.50 15.18
C GLY D 214 15.65 2.70 14.76
N ALA D 215 15.02 3.67 14.10
CA ALA D 215 15.78 4.80 13.62
C ALA D 215 16.15 5.59 14.83
N ILE D 216 17.26 6.32 14.76
CA ILE D 216 17.72 7.09 15.91
C ILE D 216 17.19 8.53 15.84
N TYR D 217 16.38 8.89 16.84
CA TYR D 217 15.78 10.22 16.97
C TYR D 217 16.73 11.30 17.53
N HIS D 218 16.77 12.43 16.83
CA HIS D 218 17.49 13.61 17.30
C HIS D 218 16.45 14.70 17.53
N ASP D 219 16.39 15.23 18.75
CA ASP D 219 15.38 16.24 19.09
C ASP D 219 15.69 17.64 18.53
N THR D 220 16.90 17.83 18.02
CA THR D 220 17.26 19.07 17.30
C THR D 220 17.86 18.76 15.94
N LEU D 221 17.75 19.72 15.03
CA LEU D 221 18.37 19.62 13.71
C LEU D 221 19.89 19.58 13.80
N ASP D 222 20.46 20.32 14.75
CA ASP D 222 21.91 20.41 14.90
C ASP D 222 22.54 19.08 15.28
N SER D 223 21.84 18.35 16.16
CA SER D 223 22.22 17.00 16.54
C SER D 223 22.15 16.05 15.32
N LEU D 224 21.14 16.22 14.49
CA LEU D 224 21.03 15.39 13.28
C LEU D 224 22.22 15.65 12.36
N LEU D 225 22.42 16.92 12.01
CA LEU D 225 23.55 17.34 11.19
C LEU D 225 24.86 16.71 11.64
N GLY D 226 25.08 16.71 12.95
CA GLY D 226 26.32 16.19 13.52
C GLY D 226 26.53 14.71 13.32
N ALA D 227 25.44 13.98 13.09
CA ALA D 227 25.48 12.51 12.99
C ALA D 227 25.23 11.99 11.57
N SER D 228 25.26 12.88 10.59
CA SER D 228 24.87 12.55 9.22
C SER D 228 26.08 12.38 8.31
N ASP D 229 26.37 11.14 7.92
CA ASP D 229 27.36 10.81 6.90
C ASP D 229 26.77 11.12 5.52
N ILE D 230 25.46 10.91 5.40
CA ILE D 230 24.69 11.38 4.25
C ILE D 230 23.52 12.17 4.83
N PHE D 231 23.46 13.46 4.53
CA PHE D 231 22.38 14.27 5.09
C PHE D 231 21.31 14.50 4.03
N LEU D 232 20.06 14.21 4.37
CA LEU D 232 18.99 14.20 3.34
C LEU D 232 17.76 14.99 3.75
N ILE D 233 17.39 15.95 2.91
CA ILE D 233 16.23 16.80 3.14
C ILE D 233 15.00 16.23 2.44
N ALA D 234 14.07 15.74 3.25
CA ALA D 234 12.78 15.26 2.78
C ALA D 234 11.65 16.13 3.36
N ALA D 235 11.94 16.81 4.48
CA ALA D 235 11.02 17.77 5.11
C ALA D 235 10.33 18.67 4.09
N PRO D 236 8.98 18.64 4.06
CA PRO D 236 8.15 19.41 3.14
C PRO D 236 8.57 20.90 3.06
N GLY D 237 8.77 21.52 4.22
CA GLY D 237 9.35 22.85 4.26
C GLY D 237 8.33 23.98 4.33
N ARG D 238 8.30 24.61 5.50
CA ARG D 238 7.57 25.85 5.72
C ARG D 238 8.46 27.05 5.31
N PRO D 239 7.94 28.29 5.37
CA PRO D 239 8.81 29.45 5.06
C PRO D 239 9.87 29.70 6.13
N GLU D 240 9.68 29.07 7.29
CA GLU D 240 10.60 29.14 8.43
C GLU D 240 11.95 28.50 8.10
N LEU D 241 11.94 27.49 7.24
CA LEU D 241 13.12 26.71 6.93
C LEU D 241 13.82 27.21 5.67
N LYS D 242 13.32 28.30 5.10
CA LYS D 242 13.91 28.85 3.89
C LYS D 242 15.35 29.24 4.15
N GLY D 243 16.25 28.66 3.36
CA GLY D 243 17.67 28.97 3.44
C GLY D 243 18.37 28.37 4.64
N PHE D 244 17.72 27.45 5.34
CA PHE D 244 18.27 26.89 6.58
C PHE D 244 19.62 26.19 6.41
N LEU D 245 19.83 25.49 5.30
CA LEU D 245 21.11 24.82 5.09
C LEU D 245 22.15 25.83 4.60
N ASP D 246 22.82 26.47 5.56
CA ASP D 246 23.77 27.53 5.30
C ASP D 246 25.17 27.16 5.75
N HIS D 247 26.05 28.15 5.79
CA HIS D 247 27.46 27.96 6.11
C HIS D 247 27.65 27.30 7.48
N ASP D 248 26.94 27.80 8.49
CA ASP D 248 27.09 27.31 9.86
C ASP D 248 26.57 25.87 9.98
N ARG D 249 25.40 25.61 9.39
CA ARG D 249 24.80 24.30 9.47
C ARG D 249 25.56 23.22 8.68
N ILE D 250 26.03 23.55 7.47
CA ILE D 250 26.88 22.63 6.71
C ILE D 250 28.17 22.28 7.49
N ALA D 251 28.73 23.27 8.19
CA ALA D 251 29.94 23.08 8.99
C ALA D 251 29.75 22.06 10.13
N LYS D 252 28.51 21.89 10.56
CA LYS D 252 28.18 20.91 11.62
C LYS D 252 28.17 19.47 11.10
N ILE D 253 28.01 19.31 9.79
CA ILE D 253 28.05 17.99 9.17
C ILE D 253 29.50 17.49 9.16
N PRO D 254 29.70 16.18 9.48
CA PRO D 254 31.04 15.57 9.50
C PRO D 254 31.76 15.72 8.16
N GLU D 255 33.04 16.13 8.20
CA GLU D 255 33.83 16.25 6.98
C GLU D 255 33.74 15.00 6.13
N GLY D 256 33.49 15.17 4.84
CA GLY D 256 33.41 14.05 3.92
C GLY D 256 32.01 13.52 3.66
N ALA D 257 31.00 14.25 4.14
CA ALA D 257 29.61 13.80 4.04
C ALA D 257 29.02 14.11 2.66
N VAL D 258 27.80 13.61 2.44
CA VAL D 258 27.02 13.86 1.23
C VAL D 258 25.72 14.54 1.63
N VAL D 259 25.34 15.58 0.88
CA VAL D 259 24.05 16.23 1.07
C VAL D 259 23.12 15.87 -0.10
N ILE D 260 21.89 15.49 0.23
CA ILE D 260 20.84 15.18 -0.76
C ILE D 260 19.61 16.05 -0.47
N ASN D 261 19.05 16.64 -1.54
CA ASN D 261 17.81 17.42 -1.42
C ASN D 261 16.78 16.96 -2.45
N ILE D 262 15.61 16.51 -1.98
CA ILE D 262 14.48 16.21 -2.87
C ILE D 262 13.22 17.04 -2.58
N SER D 263 13.25 17.83 -1.51
CA SER D 263 12.09 18.65 -1.11
C SER D 263 11.91 19.94 -1.93
N ARG D 264 12.56 21.01 -1.48
CA ARG D 264 12.42 22.30 -2.14
C ARG D 264 13.79 22.96 -2.22
N GLY D 265 14.08 23.57 -3.37
CA GLY D 265 15.38 24.16 -3.63
C GLY D 265 15.81 25.25 -2.66
N ASP D 266 14.87 26.11 -2.25
CA ASP D 266 15.23 27.27 -1.45
C ASP D 266 15.57 26.95 0.01
N LEU D 267 15.45 25.68 0.40
CA LEU D 267 15.92 25.24 1.71
C LEU D 267 17.44 25.25 1.84
N ILE D 268 18.12 25.25 0.70
CA ILE D 268 19.57 25.24 0.66
C ILE D 268 20.11 26.59 0.20
N ASN D 269 21.12 27.08 0.92
CA ASN D 269 21.89 28.25 0.52
C ASN D 269 22.92 27.78 -0.52
N ASP D 270 22.73 28.15 -1.78
CA ASP D 270 23.62 27.66 -2.86
C ASP D 270 25.09 28.04 -2.69
N ASP D 271 25.37 29.27 -2.22
CA ASP D 271 26.76 29.71 -1.99
C ASP D 271 27.42 28.76 -0.99
N ALA D 272 26.69 28.45 0.08
CA ALA D 272 27.17 27.58 1.15
C ALA D 272 27.45 26.16 0.65
N LEU D 273 26.51 25.57 -0.10
CA LEU D 273 26.71 24.22 -0.60
C LEU D 273 27.88 24.16 -1.61
N ILE D 274 27.91 25.08 -2.56
CA ILE D 274 28.98 25.17 -3.55
C ILE D 274 30.36 25.38 -2.93
N GLU D 275 30.45 26.25 -1.94
CA GLU D 275 31.69 26.46 -1.19
C GLU D 275 32.19 25.17 -0.53
N ALA D 276 31.29 24.45 0.14
CA ALA D 276 31.65 23.21 0.83
C ALA D 276 31.95 22.03 -0.11
N LEU D 277 31.29 22.00 -1.28
CA LEU D 277 31.64 21.03 -2.30
C LEU D 277 33.02 21.32 -2.92
N ARG D 278 33.36 22.60 -3.05
CA ARG D 278 34.66 22.99 -3.57
C ARG D 278 35.80 22.77 -2.56
N SER D 279 35.52 23.07 -1.29
CA SER D 279 36.50 22.92 -0.22
C SER D 279 36.69 21.45 0.13
N LYS D 280 35.79 20.61 -0.37
CA LYS D 280 35.70 19.18 -0.01
C LYS D 280 35.28 18.92 1.44
N HIS D 281 34.79 19.93 2.15
CA HIS D 281 34.12 19.62 3.43
C HIS D 281 33.02 18.60 3.18
N LEU D 282 32.35 18.75 2.04
CA LEU D 282 31.39 17.75 1.57
C LEU D 282 32.01 16.96 0.43
N PHE D 283 31.86 15.64 0.47
CA PHE D 283 32.37 14.78 -0.61
C PHE D 283 31.65 15.06 -1.92
N ALA D 284 30.33 15.15 -1.85
CA ALA D 284 29.48 15.22 -3.04
C ALA D 284 28.09 15.59 -2.61
N ALA D 285 27.24 15.87 -3.60
CA ALA D 285 25.84 16.17 -3.33
C ALA D 285 24.96 15.62 -4.45
N GLY D 286 23.67 15.45 -4.16
CA GLY D 286 22.70 15.09 -5.19
C GLY D 286 21.45 15.93 -5.01
N LEU D 287 21.00 16.60 -6.06
CA LEU D 287 19.88 17.53 -5.96
C LEU D 287 18.82 17.24 -7.03
N ASP D 288 17.56 17.10 -6.61
CA ASP D 288 16.46 17.03 -7.57
C ASP D 288 15.70 18.36 -7.65
N VAL D 289 16.04 19.29 -6.76
CA VAL D 289 15.36 20.60 -6.64
C VAL D 289 16.39 21.71 -6.37
N PHE D 290 16.06 22.94 -6.77
CA PHE D 290 17.04 24.05 -6.82
C PHE D 290 16.35 25.41 -6.59
N ALA D 291 16.98 26.27 -5.81
CA ALA D 291 16.51 27.65 -5.66
C ALA D 291 16.39 28.28 -7.04
N ASN D 292 15.24 28.90 -7.29
CA ASN D 292 14.95 29.63 -8.55
C ASN D 292 14.84 28.78 -9.81
N GLU D 293 14.57 27.48 -9.63
CA GLU D 293 14.46 26.55 -10.75
C GLU D 293 13.40 27.04 -11.76
N PRO D 294 13.62 26.84 -13.06
CA PRO D 294 14.73 26.13 -13.69
C PRO D 294 15.97 26.98 -13.91
N ALA D 295 15.94 28.24 -13.46
CA ALA D 295 17.12 29.13 -13.50
C ALA D 295 18.04 28.83 -12.32
N ILE D 296 18.62 27.63 -12.32
CA ILE D 296 19.46 27.18 -11.21
C ILE D 296 20.81 27.92 -11.15
N ASP D 297 21.45 27.91 -9.99
CA ASP D 297 22.80 28.46 -9.90
C ASP D 297 23.68 27.87 -11.03
N PRO D 298 24.27 28.72 -11.90
CA PRO D 298 24.95 28.14 -13.06
C PRO D 298 26.25 27.45 -12.69
N ARG D 299 26.74 27.64 -11.47
CA ARG D 299 27.93 26.94 -11.01
C ARG D 299 27.72 25.43 -10.81
N TYR D 300 26.49 25.01 -10.48
CA TYR D 300 26.23 23.59 -10.25
C TYR D 300 26.65 22.68 -11.42
N ARG D 301 26.37 23.11 -12.66
CA ARG D 301 26.63 22.26 -13.83
C ARG D 301 28.13 22.02 -14.07
N SER D 302 28.99 22.80 -13.43
CA SER D 302 30.44 22.67 -13.61
C SER D 302 31.11 21.93 -12.45
N LEU D 303 30.31 21.41 -11.52
CA LEU D 303 30.87 20.63 -10.43
C LEU D 303 30.88 19.14 -10.76
N ASP D 304 32.04 18.52 -10.57
CA ASP D 304 32.15 17.10 -10.86
C ASP D 304 31.58 16.26 -9.76
N ASN D 305 31.52 16.81 -8.55
CA ASN D 305 31.04 16.02 -7.41
C ASN D 305 29.59 16.29 -7.07
N ILE D 306 28.76 16.38 -8.09
CA ILE D 306 27.31 16.54 -7.86
C ILE D 306 26.57 15.72 -8.92
N PHE D 307 25.40 15.17 -8.56
CA PHE D 307 24.50 14.60 -9.55
C PHE D 307 23.19 15.41 -9.48
N LEU D 308 22.60 15.68 -10.64
CA LEU D 308 21.53 16.66 -10.76
C LEU D 308 20.38 16.02 -11.50
N THR D 309 19.15 16.20 -11.01
CA THR D 309 17.96 15.69 -11.71
C THR D 309 16.93 16.83 -11.78
N PRO D 310 16.14 16.90 -12.87
CA PRO D 310 15.30 18.09 -13.09
C PRO D 310 13.90 18.00 -12.46
N HIS D 311 13.87 17.96 -11.14
CA HIS D 311 12.63 17.83 -10.37
C HIS D 311 11.76 16.65 -10.88
N ILE D 312 12.35 15.46 -10.92
CA ILE D 312 11.66 14.28 -11.45
C ILE D 312 11.27 13.32 -10.32
N GLY D 313 11.28 13.81 -9.10
CA GLY D 313 10.88 13.00 -7.94
C GLY D 313 9.71 12.06 -8.18
N SER D 314 8.57 12.61 -8.61
CA SER D 314 7.33 11.82 -8.79
C SER D 314 7.14 11.30 -10.20
N ALA D 315 8.17 11.47 -11.02
CA ALA D 315 8.11 11.10 -12.45
C ALA D 315 8.18 9.61 -12.78
N THR D 316 7.18 8.84 -12.33
CA THR D 316 6.92 7.51 -12.92
C THR D 316 5.54 7.51 -13.53
N HIS D 317 5.31 6.65 -14.52
CA HIS D 317 3.98 6.53 -15.10
C HIS D 317 2.96 6.17 -14.01
N GLU D 318 3.31 5.22 -13.15
CA GLU D 318 2.41 4.75 -12.09
C GLU D 318 2.01 5.85 -11.10
N THR D 319 2.94 6.76 -10.78
CA THR D 319 2.65 7.84 -9.85
C THR D 319 1.88 9.00 -10.48
N ARG D 320 2.30 9.43 -11.67
CA ARG D 320 1.57 10.48 -12.36
C ARG D 320 0.14 10.05 -12.71
N ASP D 321 -0.04 8.76 -13.04
CA ASP D 321 -1.35 8.20 -13.24
C ASP D 321 -2.14 8.08 -11.96
N ALA D 322 -1.48 7.70 -10.87
CA ALA D 322 -2.14 7.65 -9.56
C ALA D 322 -2.71 9.03 -9.15
N GLY D 324 -3.51 11.43 -11.23
CA GLY D 324 -4.64 11.69 -12.13
C GLY D 324 -5.93 10.99 -11.69
N TRP D 325 -5.78 9.75 -11.25
CA TRP D 325 -6.93 9.01 -10.70
C TRP D 325 -7.54 9.62 -9.44
N LEU D 326 -6.73 10.22 -8.58
CA LEU D 326 -7.31 10.97 -7.45
C LEU D 326 -8.22 12.11 -7.92
N LEU D 327 -7.82 12.80 -8.99
CA LEU D 327 -8.66 13.87 -9.51
C LEU D 327 -9.95 13.35 -10.12
N ILE D 328 -9.85 12.28 -10.90
CA ILE D 328 -10.99 11.68 -11.57
C ILE D 328 -11.98 11.20 -10.50
N GLN D 329 -11.46 10.47 -9.52
CA GLN D 329 -12.28 10.01 -8.41
C GLN D 329 -12.96 11.18 -7.64
N GLY D 330 -12.21 12.26 -7.43
CA GLY D 330 -12.71 13.44 -6.72
C GLY D 330 -13.85 14.11 -7.46
N ILE D 331 -13.68 14.24 -8.78
CA ILE D 331 -14.71 14.87 -9.60
C ILE D 331 -15.96 14.00 -9.63
N GLU D 332 -15.77 12.69 -9.74
CA GLU D 332 -16.91 11.77 -9.79
C GLU D 332 -17.72 11.82 -8.49
N ALA D 333 -17.02 11.90 -7.37
CA ALA D 333 -17.66 12.10 -6.08
C ALA D 333 -18.45 13.40 -6.01
N LEU D 334 -17.86 14.49 -6.50
CA LEU D 334 -18.55 15.77 -6.51
C LEU D 334 -19.79 15.74 -7.42
N ASN D 335 -19.66 15.08 -8.56
CA ASN D 335 -20.79 14.95 -9.47
C ASN D 335 -21.99 14.22 -8.85
N GLN D 336 -21.75 13.25 -7.96
CA GLN D 336 -22.85 12.54 -7.32
C GLN D 336 -23.23 13.20 -5.98
N SER D 337 -22.73 14.41 -5.78
CA SER D 337 -23.01 15.29 -4.64
C SER D 337 -22.26 14.89 -3.37
N ASP D 338 -21.28 13.99 -3.47
CA ASP D 338 -20.53 13.55 -2.29
C ASP D 338 -19.23 14.37 -2.08
N VAL D 339 -18.58 14.20 -0.93
CA VAL D 339 -17.43 15.00 -0.53
C VAL D 339 -16.20 14.12 -0.59
N PRO D 340 -15.35 14.29 -1.63
CA PRO D 340 -14.13 13.49 -1.70
C PRO D 340 -13.10 13.98 -0.67
N ASP D 341 -12.17 13.11 -0.30
CA ASP D 341 -11.21 13.42 0.75
C ASP D 341 -10.16 14.43 0.29
N ASN D 342 -10.00 14.59 -1.03
CA ASN D 342 -9.00 15.50 -1.57
C ASN D 342 -9.52 16.87 -1.97
N LEU D 343 -10.67 17.24 -1.42
CA LEU D 343 -11.24 18.58 -1.56
C LEU D 343 -10.58 19.48 -0.54
N ILE D 344 -9.98 20.57 -1.00
CA ILE D 344 -9.24 21.51 -0.15
C ILE D 344 -10.21 22.43 0.60
#